data_3TQT
#
_entry.id   3TQT
#
_cell.length_a   68.238
_cell.length_b   97.442
_cell.length_c   106.563
_cell.angle_alpha   90.000
_cell.angle_beta   90.000
_cell.angle_gamma   90.000
#
_symmetry.space_group_name_H-M   'P 21 21 21'
#
loop_
_entity.id
_entity.type
_entity.pdbx_description
1 polymer 'D-alanine--D-alanine ligase'
2 water water
#
_entity_poly.entity_id   1
_entity_poly.type   'polypeptide(L)'
_entity_poly.pdbx_seq_one_letter_code
;MAEKLHISVLCGGQSTEHEISIQSAKNIVNTLDAAKYLISVIFIDHVGRWYLIDQPEMFLAHSPDHLVKEGSARPITIAF
GDAAKPWQSLNGDGRRYSADCVFPMVHGTQGEDGALQGLLELLNLPYVGANVQSSAVCMEKDLTKTVLRAGGIPVVDWHT
LSPRDATEGVYQRLLDRWGTSELFVKAVSLGSSVATLPVKTETEFTKAVKEVFRYDDRLMVEPRIRGREIECAVLGNGAP
KASLPGEIIPHHDYYSYDAKYLDPNGATTTTSVDLSESVTKQIQQIAIDAFKMVHCSGMARVDFFVTPNNKVLVNEINTI
PGFTNISMYPKMWEASGLPCPNLLDQLIELAIDRHQEQQKLIRCYEVKARSL
;
_entity_poly.pdbx_strand_id   A,B
#
# COMPACT_ATOMS: atom_id res chain seq x y z
N ALA A 2 0.56 -31.06 13.33
CA ALA A 2 1.34 -30.17 14.19
C ALA A 2 0.60 -29.85 15.50
N GLU A 3 1.33 -29.89 16.61
CA GLU A 3 0.75 -29.50 17.90
C GLU A 3 0.86 -27.99 18.16
N LYS A 4 1.75 -27.31 17.44
CA LYS A 4 1.95 -25.87 17.61
C LYS A 4 1.86 -25.12 16.29
N LEU A 5 1.51 -23.85 16.37
CA LEU A 5 1.48 -22.99 15.20
C LEU A 5 2.88 -22.47 15.00
N HIS A 6 3.34 -22.45 13.75
CA HIS A 6 4.64 -21.87 13.44
C HIS A 6 4.52 -20.37 13.23
N ILE A 7 5.23 -19.60 14.03
CA ILE A 7 5.19 -18.16 13.93
C ILE A 7 6.57 -17.71 13.49
N SER A 8 6.60 -16.87 12.44
CA SER A 8 7.85 -16.23 12.00
C SER A 8 7.84 -14.75 12.38
N VAL A 9 8.84 -14.32 13.13
CA VAL A 9 8.94 -12.91 13.48
C VAL A 9 9.97 -12.26 12.59
N LEU A 10 9.58 -11.23 11.84
CA LEU A 10 10.49 -10.54 10.93
C LEU A 10 11.04 -9.31 11.60
N CYS A 11 12.36 -9.15 11.56
CA CYS A 11 12.99 -7.99 12.19
C CYS A 11 14.22 -7.53 11.44
N GLY A 12 14.71 -6.34 11.81
CA GLY A 12 15.88 -5.76 11.20
C GLY A 12 15.43 -4.85 10.08
N GLY A 13 15.88 -5.16 8.88
CA GLY A 13 15.43 -4.47 7.68
C GLY A 13 16.32 -3.30 7.30
N GLN A 14 16.15 -2.83 6.07
CA GLN A 14 16.89 -1.67 5.60
C GLN A 14 16.06 -0.45 6.01
N SER A 15 16.25 -0.05 7.26
CA SER A 15 15.46 0.98 7.88
C SER A 15 16.30 1.52 9.01
N THR A 16 16.16 2.81 9.29
CA THR A 16 16.92 3.42 10.37
C THR A 16 16.43 2.95 11.74
N GLU A 17 15.28 2.28 11.77
CA GLU A 17 14.78 1.73 13.03
C GLU A 17 15.17 0.26 13.19
N HIS A 18 16.17 -0.17 12.42
CA HIS A 18 16.67 -1.54 12.44
C HIS A 18 16.90 -2.06 13.85
N GLU A 19 17.65 -1.31 14.66
CA GLU A 19 17.96 -1.78 16.00
C GLU A 19 16.76 -1.86 16.95
N ILE A 20 15.84 -0.89 16.86
CA ILE A 20 14.61 -0.95 17.62
C ILE A 20 13.79 -2.18 17.19
N SER A 21 13.79 -2.47 15.89
CA SER A 21 13.09 -3.62 15.35
C SER A 21 13.55 -4.92 16.02
N ILE A 22 14.86 -5.06 16.13
CA ILE A 22 15.43 -6.23 16.79
C ILE A 22 14.97 -6.30 18.24
N GLN A 23 15.00 -5.17 18.95
CA GLN A 23 14.56 -5.16 20.34
C GLN A 23 13.06 -5.48 20.48
N SER A 24 12.26 -4.95 19.57
CA SER A 24 10.83 -5.31 19.53
C SER A 24 10.68 -6.82 19.32
N ALA A 25 11.39 -7.35 18.33
CA ALA A 25 11.31 -8.77 18.01
C ALA A 25 11.75 -9.62 19.19
N LYS A 26 12.77 -9.18 19.92
CA LYS A 26 13.24 -9.96 21.06
C LYS A 26 12.17 -10.05 22.12
N ASN A 27 11.48 -8.95 22.39
CA ASN A 27 10.43 -8.97 23.38
C ASN A 27 9.31 -9.89 22.96
N ILE A 28 8.92 -9.78 21.69
CA ILE A 28 7.87 -10.62 21.17
C ILE A 28 8.29 -12.09 21.27
N VAL A 29 9.51 -12.38 20.85
CA VAL A 29 9.99 -13.77 20.88
C VAL A 29 10.05 -14.29 22.31
N ASN A 30 10.45 -13.42 23.22
CA ASN A 30 10.54 -13.78 24.63
C ASN A 30 9.18 -13.94 25.27
N THR A 31 8.18 -13.32 24.68
CA THR A 31 6.86 -13.23 25.30
C THR A 31 5.82 -14.16 24.66
N LEU A 32 6.04 -14.56 23.41
CA LEU A 32 5.17 -15.53 22.76
C LEU A 32 5.02 -16.83 23.57
N ASP A 33 3.79 -17.26 23.75
CA ASP A 33 3.48 -18.41 24.59
C ASP A 33 4.17 -19.65 24.01
N ALA A 34 5.22 -20.12 24.67
CA ALA A 34 5.99 -21.26 24.18
C ALA A 34 5.14 -22.54 24.02
N ALA A 35 4.03 -22.61 24.74
CA ALA A 35 3.12 -23.75 24.63
C ALA A 35 2.38 -23.76 23.29
N LYS A 36 2.17 -22.59 22.71
CA LYS A 36 1.32 -22.49 21.52
C LYS A 36 2.11 -22.41 20.23
N TYR A 37 3.36 -21.96 20.32
CA TYR A 37 4.07 -21.55 19.11
C TYR A 37 5.45 -22.15 18.98
N LEU A 38 5.80 -22.53 17.77
CA LEU A 38 7.19 -22.78 17.42
C LEU A 38 7.63 -21.50 16.74
N ILE A 39 8.61 -20.83 17.33
CA ILE A 39 8.98 -19.50 16.91
C ILE A 39 10.21 -19.55 16.04
N SER A 40 10.13 -18.92 14.87
CA SER A 40 11.28 -18.70 13.99
C SER A 40 11.48 -17.20 13.85
N VAL A 41 12.72 -16.78 13.76
CA VAL A 41 12.99 -15.35 13.57
C VAL A 41 13.61 -15.16 12.20
N ILE A 42 13.05 -14.24 11.43
CA ILE A 42 13.63 -13.92 10.14
C ILE A 42 14.36 -12.60 10.32
N PHE A 43 15.66 -12.61 10.09
CA PHE A 43 16.45 -11.40 10.20
C PHE A 43 16.76 -10.86 8.81
N ILE A 44 16.44 -9.59 8.58
CA ILE A 44 16.79 -8.93 7.34
C ILE A 44 17.93 -7.97 7.68
N ASP A 45 19.09 -8.18 7.08
CA ASP A 45 20.22 -7.33 7.42
C ASP A 45 20.17 -6.00 6.69
N HIS A 46 21.23 -5.22 6.83
CA HIS A 46 21.23 -3.85 6.33
C HIS A 46 21.25 -3.74 4.80
N VAL A 47 21.69 -4.80 4.13
CA VAL A 47 21.66 -4.79 2.67
C VAL A 47 20.48 -5.59 2.13
N GLY A 48 19.58 -6.02 3.03
CA GLY A 48 18.35 -6.67 2.61
C GLY A 48 18.43 -8.16 2.42
N ARG A 49 19.48 -8.78 2.96
CA ARG A 49 19.59 -10.24 2.93
C ARG A 49 18.77 -10.85 4.07
N TRP A 50 18.11 -11.96 3.79
CA TRP A 50 17.26 -12.62 4.78
C TRP A 50 17.92 -13.85 5.38
N TYR A 51 17.75 -13.99 6.69
CA TYR A 51 18.29 -15.13 7.41
C TYR A 51 17.20 -15.68 8.31
N LEU A 52 17.19 -16.99 8.49
CA LEU A 52 16.25 -17.58 9.41
C LEU A 52 16.96 -18.14 10.63
N ILE A 53 16.44 -17.80 11.81
CA ILE A 53 16.94 -18.34 13.06
C ILE A 53 15.84 -19.21 13.67
N ASP A 54 16.07 -20.52 13.78
CA ASP A 54 14.98 -21.39 14.21
C ASP A 54 15.12 -21.83 15.66
N GLN A 55 16.11 -21.25 16.33
CA GLN A 55 16.25 -21.41 17.77
C GLN A 55 16.03 -20.05 18.42
N PRO A 56 14.80 -19.79 18.85
CA PRO A 56 14.45 -18.48 19.41
C PRO A 56 15.35 -18.13 20.57
N GLU A 57 15.72 -19.13 21.38
CA GLU A 57 16.58 -18.88 22.52
C GLU A 57 17.89 -18.21 22.10
N MET A 58 18.41 -18.59 20.93
CA MET A 58 19.66 -18.03 20.43
C MET A 58 19.44 -16.57 20.03
N PHE A 59 18.27 -16.29 19.48
CA PHE A 59 17.90 -14.93 19.10
C PHE A 59 17.82 -14.04 20.33
N LEU A 60 17.30 -14.58 21.43
CA LEU A 60 17.23 -13.80 22.66
C LEU A 60 18.61 -13.59 23.27
N ALA A 61 19.49 -14.55 23.08
CA ALA A 61 20.80 -14.54 23.73
C ALA A 61 21.87 -13.75 22.99
N HIS A 62 21.67 -13.53 21.69
CA HIS A 62 22.72 -12.93 20.86
C HIS A 62 22.15 -11.91 19.89
N SER A 63 22.99 -11.03 19.38
CA SER A 63 22.54 -10.14 18.30
C SER A 63 22.35 -10.98 17.05
N PRO A 64 21.41 -10.61 16.20
CA PRO A 64 21.29 -11.39 14.96
C PRO A 64 22.55 -11.29 14.10
N ASP A 65 23.26 -10.18 14.17
CA ASP A 65 24.53 -10.05 13.45
C ASP A 65 25.52 -11.15 13.89
N HIS A 66 25.55 -11.41 15.18
CA HIS A 66 26.40 -12.46 15.73
C HIS A 66 26.01 -13.82 15.16
N LEU A 67 24.70 -14.07 15.10
CA LEU A 67 24.19 -15.35 14.65
C LEU A 67 24.49 -15.57 13.19
N VAL A 68 24.46 -14.50 12.43
CA VAL A 68 24.85 -14.54 11.03
C VAL A 68 26.31 -14.95 10.93
N LYS A 69 27.17 -14.27 11.67
CA LYS A 69 28.60 -14.53 11.60
C LYS A 69 28.96 -15.93 12.08
N GLU A 70 28.31 -16.37 13.15
CA GLU A 70 28.52 -17.72 13.67
C GLU A 70 28.06 -18.77 12.66
N GLY A 71 27.05 -18.42 11.89
CA GLY A 71 26.50 -19.31 10.89
C GLY A 71 25.18 -19.95 11.33
N SER A 72 24.72 -19.66 12.53
CA SER A 72 23.48 -20.25 13.01
C SER A 72 22.24 -19.63 12.37
N ALA A 73 22.32 -18.35 12.01
CA ALA A 73 21.26 -17.72 11.24
C ALA A 73 21.43 -18.09 9.78
N ARG A 74 20.47 -18.84 9.25
CA ARG A 74 20.61 -19.46 7.94
C ARG A 74 20.08 -18.55 6.83
N PRO A 75 20.92 -18.30 5.83
CA PRO A 75 20.48 -17.57 4.63
C PRO A 75 19.26 -18.23 4.01
N ILE A 76 18.22 -17.45 3.75
CA ILE A 76 17.03 -18.01 3.15
C ILE A 76 16.55 -17.15 2.01
N THR A 77 15.75 -17.76 1.15
CA THR A 77 14.93 -16.99 0.27
C THR A 77 13.50 -17.48 0.45
N ILE A 78 12.61 -17.16 -0.47
CA ILE A 78 11.23 -17.52 -0.29
C ILE A 78 10.81 -18.53 -1.34
N ALA A 79 9.74 -19.26 -1.05
CA ALA A 79 9.24 -20.23 -1.99
C ALA A 79 7.84 -19.81 -2.41
N PHE A 80 7.73 -19.13 -3.55
CA PHE A 80 6.43 -18.71 -4.03
C PHE A 80 5.52 -19.90 -4.25
N GLY A 81 4.25 -19.73 -3.93
CA GLY A 81 3.26 -20.77 -4.20
C GLY A 81 3.17 -21.76 -3.06
N ASP A 82 4.27 -21.95 -2.34
CA ASP A 82 4.29 -22.85 -1.20
C ASP A 82 3.66 -22.17 0.01
N ALA A 83 2.36 -22.36 0.16
CA ALA A 83 1.58 -21.66 1.19
C ALA A 83 2.00 -22.06 2.59
N ALA A 84 2.42 -23.31 2.76
CA ALA A 84 2.73 -23.84 4.09
C ALA A 84 4.16 -23.54 4.55
N LYS A 85 5.11 -23.63 3.62
CA LYS A 85 6.53 -23.47 3.92
C LYS A 85 7.15 -22.43 3.01
N PRO A 86 6.99 -21.15 3.36
CA PRO A 86 7.38 -20.04 2.49
C PRO A 86 8.88 -19.76 2.48
N TRP A 87 9.60 -20.22 3.51
CA TRP A 87 11.03 -19.91 3.63
C TRP A 87 11.84 -21.08 3.14
N GLN A 88 12.84 -20.80 2.33
CA GLN A 88 13.66 -21.86 1.75
C GLN A 88 15.12 -21.58 1.98
N SER A 89 15.83 -22.53 2.56
CA SER A 89 17.24 -22.35 2.85
C SER A 89 18.05 -22.27 1.55
N LEU A 90 19.12 -21.46 1.57
CA LEU A 90 19.94 -21.26 0.38
C LEU A 90 21.10 -22.26 0.23
N ARG A 95 15.99 -27.02 1.88
CA ARG A 95 15.20 -27.22 3.10
C ARG A 95 14.20 -26.08 3.32
N ARG A 96 12.91 -26.39 3.32
CA ARG A 96 11.90 -25.35 3.51
C ARG A 96 11.37 -25.32 4.95
N TYR A 97 10.95 -24.14 5.39
CA TYR A 97 10.51 -23.95 6.76
C TYR A 97 9.10 -23.43 6.78
N SER A 98 8.32 -23.97 7.71
CA SER A 98 6.90 -23.64 7.85
C SER A 98 6.70 -22.27 8.45
N ALA A 99 5.59 -21.64 8.10
CA ALA A 99 5.12 -20.46 8.78
C ALA A 99 3.60 -20.45 8.68
N ASP A 100 2.92 -20.45 9.82
CA ASP A 100 1.47 -20.38 9.87
C ASP A 100 1.01 -18.95 9.99
N CYS A 101 1.90 -18.10 10.48
CA CYS A 101 1.58 -16.70 10.62
C CYS A 101 2.87 -15.92 10.79
N VAL A 102 2.91 -14.73 10.18
CA VAL A 102 4.10 -13.91 10.21
C VAL A 102 3.84 -12.68 11.07
N PHE A 103 4.82 -12.32 11.88
CA PHE A 103 4.70 -11.14 12.71
C PHE A 103 5.70 -10.13 12.17
N PRO A 104 5.24 -9.23 11.28
CA PRO A 104 6.17 -8.27 10.71
C PRO A 104 6.55 -7.30 11.83
N MET A 105 7.84 -7.19 12.14
CA MET A 105 8.22 -6.33 13.23
C MET A 105 9.39 -5.49 12.77
N VAL A 106 9.33 -5.11 11.51
CA VAL A 106 10.25 -4.13 10.96
C VAL A 106 9.57 -2.76 11.02
N HIS A 107 10.17 -1.84 11.76
CA HIS A 107 9.65 -0.47 11.87
C HIS A 107 10.13 0.39 10.70
N GLY A 108 9.28 1.33 10.29
CA GLY A 108 9.62 2.30 9.27
C GLY A 108 9.71 1.74 7.87
N THR A 109 10.68 2.25 7.11
CA THR A 109 10.89 1.84 5.74
C THR A 109 10.84 0.31 5.59
N GLN A 110 10.16 -0.12 4.52
CA GLN A 110 10.00 -1.54 4.19
C GLN A 110 8.99 -2.27 5.07
N GLY A 111 9.07 -2.02 6.38
CA GLY A 111 8.29 -2.77 7.35
C GLY A 111 6.89 -2.25 7.60
N GLU A 112 6.72 -0.94 7.57
CA GLU A 112 5.41 -0.33 7.85
C GLU A 112 4.80 0.27 6.61
N ASP A 113 5.57 0.33 5.53
CA ASP A 113 5.15 1.06 4.33
C ASP A 113 4.43 0.20 3.32
N GLY A 114 4.09 -1.02 3.73
CA GLY A 114 3.39 -1.93 2.85
C GLY A 114 4.28 -2.85 2.05
N ALA A 115 5.58 -2.59 2.01
CA ALA A 115 6.46 -3.43 1.19
C ALA A 115 6.51 -4.87 1.68
N LEU A 116 6.83 -5.04 2.96
CA LEU A 116 6.88 -6.36 3.57
C LEU A 116 5.51 -7.04 3.55
N GLN A 117 4.47 -6.27 3.85
CA GLN A 117 3.09 -6.76 3.77
C GLN A 117 2.79 -7.26 2.36
N GLY A 118 3.27 -6.55 1.35
CA GLY A 118 3.04 -6.93 -0.05
C GLY A 118 3.65 -8.27 -0.40
N LEU A 119 4.87 -8.51 0.08
CA LEU A 119 5.53 -9.79 -0.12
C LEU A 119 4.73 -10.89 0.55
N LEU A 120 4.26 -10.59 1.75
CA LEU A 120 3.52 -11.57 2.53
C LEU A 120 2.17 -11.89 1.88
N GLU A 121 1.56 -10.88 1.25
CA GLU A 121 0.35 -11.13 0.47
C GLU A 121 0.66 -12.03 -0.72
N LEU A 122 1.78 -11.78 -1.38
CA LEU A 122 2.15 -12.58 -2.55
C LEU A 122 2.42 -14.04 -2.14
N LEU A 123 2.86 -14.23 -0.92
CA LEU A 123 3.12 -15.56 -0.38
C LEU A 123 1.86 -16.18 0.21
N ASN A 124 0.77 -15.43 0.20
CA ASN A 124 -0.50 -15.86 0.76
C ASN A 124 -0.31 -16.29 2.21
N LEU A 125 0.50 -15.56 2.97
CA LEU A 125 0.71 -15.90 4.37
C LEU A 125 -0.12 -15.02 5.27
N PRO A 126 -0.70 -15.60 6.33
CA PRO A 126 -1.32 -14.73 7.32
C PRO A 126 -0.24 -13.88 7.97
N TYR A 127 -0.54 -12.62 8.26
CA TYR A 127 0.43 -11.78 8.97
C TYR A 127 -0.24 -10.77 9.88
N VAL A 128 0.47 -10.41 10.93
CA VAL A 128 -0.06 -9.51 11.93
C VAL A 128 -0.11 -8.07 11.45
N GLY A 129 -1.19 -7.37 11.81
CA GLY A 129 -1.23 -5.93 11.63
C GLY A 129 -1.81 -5.44 10.31
N ALA A 130 -1.50 -4.18 9.99
CA ALA A 130 -2.11 -3.48 8.89
C ALA A 130 -1.76 -4.15 7.59
N ASN A 131 -2.71 -4.21 6.66
CA ASN A 131 -2.46 -4.76 5.33
C ASN A 131 -1.68 -3.76 4.47
N VAL A 132 -1.53 -4.04 3.18
CA VAL A 132 -0.70 -3.19 2.34
C VAL A 132 -1.27 -1.78 2.25
N GLN A 133 -2.55 -1.69 1.95
CA GLN A 133 -3.17 -0.39 1.79
C GLN A 133 -3.15 0.45 3.05
N SER A 134 -3.46 -0.18 4.17
CA SER A 134 -3.55 0.52 5.44
C SER A 134 -2.16 0.93 5.90
N SER A 135 -1.18 0.07 5.68
CA SER A 135 0.20 0.41 6.03
C SER A 135 0.62 1.65 5.23
N ALA A 136 0.31 1.66 3.94
CA ALA A 136 0.74 2.75 3.06
C ALA A 136 0.04 4.02 3.46
N VAL A 137 -1.25 3.95 3.72
CA VAL A 137 -1.99 5.12 4.16
C VAL A 137 -1.46 5.69 5.49
N CYS A 138 -1.15 4.82 6.43
CA CYS A 138 -0.70 5.27 7.74
C CYS A 138 0.76 5.72 7.74
N MET A 139 1.54 5.17 6.83
CA MET A 139 2.97 5.49 6.73
C MET A 139 3.19 6.91 6.24
N GLU A 140 2.36 7.36 5.29
CA GLU A 140 2.46 8.70 4.75
C GLU A 140 1.52 9.58 5.57
N LYS A 141 2.09 10.32 6.51
CA LYS A 141 1.33 11.01 7.54
C LYS A 141 0.36 12.03 6.99
N ASP A 142 0.69 12.64 5.85
CA ASP A 142 -0.22 13.59 5.25
C ASP A 142 -1.39 12.89 4.58
N LEU A 143 -1.11 11.73 3.98
CA LEU A 143 -2.18 10.91 3.40
C LEU A 143 -3.11 10.41 4.52
N THR A 144 -2.53 9.99 5.64
CA THR A 144 -3.32 9.57 6.78
C THR A 144 -4.30 10.68 7.18
N LYS A 145 -3.77 11.88 7.33
CA LYS A 145 -4.60 13.00 7.75
C LYS A 145 -5.66 13.34 6.72
N THR A 146 -5.34 13.16 5.45
CA THR A 146 -6.30 13.43 4.40
C THR A 146 -7.51 12.52 4.59
N VAL A 147 -7.23 11.24 4.81
CA VAL A 147 -8.29 10.26 4.95
C VAL A 147 -9.07 10.52 6.25
N LEU A 148 -8.36 10.80 7.33
CA LEU A 148 -9.01 11.06 8.61
C LEU A 148 -9.90 12.28 8.53
N ARG A 149 -9.36 13.36 8.01
CA ARG A 149 -10.13 14.61 7.97
C ARG A 149 -11.35 14.48 7.06
N ALA A 150 -11.18 13.78 5.93
CA ALA A 150 -12.29 13.55 5.02
C ALA A 150 -13.41 12.83 5.73
N GLY A 151 -13.07 11.97 6.68
CA GLY A 151 -14.07 11.22 7.42
C GLY A 151 -14.54 11.93 8.69
N GLY A 152 -14.13 13.19 8.85
CA GLY A 152 -14.55 13.97 9.99
C GLY A 152 -13.75 13.78 11.27
N ILE A 153 -12.62 13.09 11.18
CA ILE A 153 -11.79 12.94 12.37
C ILE A 153 -10.89 14.15 12.55
N PRO A 154 -10.88 14.71 13.76
CA PRO A 154 -10.09 15.92 14.07
C PRO A 154 -8.61 15.58 13.97
N VAL A 155 -7.85 16.32 13.16
CA VAL A 155 -6.41 16.09 13.09
C VAL A 155 -5.64 17.41 13.22
N VAL A 156 -4.39 17.31 13.65
CA VAL A 156 -3.48 18.43 13.61
C VAL A 156 -3.34 18.85 12.15
N ASP A 157 -3.52 20.15 11.88
CA ASP A 157 -3.51 20.60 10.49
C ASP A 157 -2.14 20.42 9.90
N TRP A 158 -2.07 20.40 8.57
CA TRP A 158 -0.81 20.18 7.89
C TRP A 158 -0.85 20.82 6.52
N HIS A 159 0.33 20.98 5.92
CA HIS A 159 0.40 21.42 4.55
C HIS A 159 1.50 20.65 3.84
N THR A 160 1.11 19.90 2.81
CA THR A 160 2.05 19.08 2.08
C THR A 160 2.79 19.93 1.04
N LEU A 161 4.09 19.68 0.88
CA LEU A 161 4.86 20.26 -0.21
C LEU A 161 5.58 19.15 -0.94
N SER A 162 5.65 19.29 -2.26
CA SER A 162 6.47 18.40 -3.06
C SER A 162 7.58 19.24 -3.66
N PRO A 163 8.62 18.58 -4.18
CA PRO A 163 9.79 19.31 -4.66
C PRO A 163 9.49 20.35 -5.74
N ARG A 164 8.47 20.13 -6.56
CA ARG A 164 8.16 21.10 -7.60
C ARG A 164 7.34 22.32 -7.15
N ASP A 165 6.74 22.24 -5.97
CA ASP A 165 5.99 23.37 -5.43
C ASP A 165 6.91 24.53 -5.08
N ALA A 166 6.47 25.75 -5.36
CA ALA A 166 7.20 26.92 -4.91
C ALA A 166 7.16 26.93 -3.39
N THR A 167 8.27 27.33 -2.76
CA THR A 167 8.34 27.41 -1.31
C THR A 167 8.08 28.84 -0.85
N GLU A 168 8.35 29.80 -1.73
CA GLU A 168 8.07 31.20 -1.44
C GLU A 168 6.59 31.41 -1.14
N GLY A 169 6.31 32.24 -0.13
CA GLY A 169 4.95 32.58 0.22
C GLY A 169 4.28 31.53 1.09
N VAL A 170 4.83 30.32 1.09
CA VAL A 170 4.21 29.24 1.87
C VAL A 170 4.30 29.51 3.37
N TYR A 171 5.50 29.83 3.83
CA TYR A 171 5.72 30.12 5.24
C TYR A 171 4.70 31.13 5.73
N GLN A 172 4.60 32.25 5.02
CA GLN A 172 3.72 33.34 5.42
C GLN A 172 2.26 32.92 5.44
N ARG A 173 1.87 32.15 4.44
CA ARG A 173 0.50 31.69 4.34
C ARG A 173 0.16 30.74 5.47
N LEU A 174 1.15 29.95 5.88
CA LEU A 174 0.93 29.02 6.98
C LEU A 174 0.89 29.75 8.31
N LEU A 175 1.77 30.74 8.47
CA LEU A 175 1.71 31.57 9.66
C LEU A 175 0.34 32.24 9.74
N ASP A 176 -0.18 32.69 8.60
CA ASP A 176 -1.47 33.36 8.57
C ASP A 176 -2.59 32.40 8.93
N ARG A 177 -2.43 31.14 8.55
CA ARG A 177 -3.46 30.14 8.75
C ARG A 177 -3.42 29.62 10.16
N TRP A 178 -2.22 29.57 10.72
CA TRP A 178 -2.03 28.99 12.05
C TRP A 178 -1.57 30.07 13.05
N GLU A 182 5.56 28.90 15.68
CA GLU A 182 6.56 27.92 15.27
C GLU A 182 5.95 26.80 14.42
N LEU A 183 6.68 26.35 13.42
CA LEU A 183 6.26 25.28 12.53
C LEU A 183 7.21 24.09 12.60
N PHE A 184 6.70 22.93 12.20
CA PHE A 184 7.52 21.76 11.97
C PHE A 184 7.58 21.48 10.47
N VAL A 185 8.79 21.23 9.98
CA VAL A 185 8.93 20.73 8.62
C VAL A 185 9.35 19.27 8.73
N LYS A 186 8.48 18.37 8.26
CA LYS A 186 8.58 16.94 8.52
C LYS A 186 8.57 16.15 7.22
N ALA A 187 9.42 15.13 7.10
CA ALA A 187 9.23 14.16 6.03
C ALA A 187 7.84 13.52 6.22
N VAL A 188 7.14 13.27 5.12
CA VAL A 188 5.82 12.62 5.24
C VAL A 188 5.93 11.19 5.74
N SER A 189 7.03 10.51 5.42
CA SER A 189 7.06 9.08 5.64
C SER A 189 8.29 8.60 6.40
N LEU A 190 9.00 9.52 7.06
CA LEU A 190 10.17 9.15 7.83
C LEU A 190 10.03 9.60 9.28
N GLY A 191 10.38 8.72 10.21
CA GLY A 191 10.18 8.98 11.62
C GLY A 191 11.36 9.60 12.37
N SER A 192 12.57 9.21 11.99
CA SER A 192 13.77 9.75 12.63
C SER A 192 13.68 11.26 12.81
N SER A 193 14.23 11.73 13.94
CA SER A 193 14.22 13.14 14.28
C SER A 193 14.99 13.99 13.26
N VAL A 194 15.89 13.35 12.53
CA VAL A 194 16.63 14.02 11.48
C VAL A 194 15.67 14.63 10.45
N ALA A 195 14.51 14.01 10.31
CA ALA A 195 13.56 14.40 9.27
C ALA A 195 12.38 15.20 9.79
N THR A 196 12.49 15.74 11.01
CA THR A 196 11.46 16.60 11.60
C THR A 196 12.13 17.85 12.16
N LEU A 197 11.92 18.98 11.48
CA LEU A 197 12.70 20.19 11.75
C LEU A 197 11.81 21.31 12.25
N PRO A 198 12.08 21.80 13.48
CA PRO A 198 11.33 22.96 14.00
C PRO A 198 11.86 24.24 13.37
N VAL A 199 10.97 25.14 12.98
CA VAL A 199 11.38 26.38 12.33
C VAL A 199 10.64 27.57 12.93
N LYS A 200 11.37 28.65 13.13
CA LYS A 200 10.84 29.86 13.75
C LYS A 200 10.94 31.08 12.81
N THR A 201 11.65 30.93 11.70
CA THR A 201 11.79 32.03 10.74
C THR A 201 11.59 31.57 9.30
N GLU A 202 11.37 32.53 8.40
CA GLU A 202 11.24 32.22 6.98
C GLU A 202 12.47 31.49 6.49
N THR A 203 13.63 32.00 6.87
CA THR A 203 14.90 31.42 6.47
C THR A 203 15.04 30.01 6.98
N GLU A 204 14.71 29.78 8.24
CA GLU A 204 14.77 28.43 8.80
C GLU A 204 13.82 27.54 8.02
N PHE A 205 12.67 28.09 7.65
CA PHE A 205 11.65 27.32 6.95
C PHE A 205 12.22 26.78 5.65
N THR A 206 12.76 27.66 4.82
CA THR A 206 13.21 27.24 3.50
C THR A 206 14.44 26.35 3.64
N LYS A 207 15.31 26.62 4.60
CA LYS A 207 16.44 25.73 4.83
C LYS A 207 15.96 24.34 5.24
N ALA A 208 14.94 24.26 6.08
CA ALA A 208 14.41 22.98 6.53
C ALA A 208 13.74 22.24 5.38
N VAL A 209 13.03 22.97 4.53
CA VAL A 209 12.38 22.35 3.40
C VAL A 209 13.41 21.71 2.50
N LYS A 210 14.48 22.44 2.23
CA LYS A 210 15.58 21.93 1.42
C LYS A 210 16.17 20.68 2.05
N GLU A 211 16.37 20.72 3.36
CA GLU A 211 16.98 19.61 4.08
C GLU A 211 16.11 18.36 4.02
N VAL A 212 14.83 18.51 4.32
CA VAL A 212 13.94 17.36 4.33
C VAL A 212 13.81 16.73 2.96
N PHE A 213 13.86 17.56 1.91
CA PHE A 213 13.79 17.01 0.55
C PHE A 213 15.04 16.26 0.15
N ARG A 214 16.06 16.26 1.01
CA ARG A 214 17.19 15.38 0.81
C ARG A 214 16.87 13.96 1.30
N TYR A 215 15.81 13.83 2.09
CA TYR A 215 15.47 12.54 2.72
C TYR A 215 14.21 11.88 2.18
N ASP A 216 13.24 12.70 1.80
CA ASP A 216 11.92 12.19 1.41
C ASP A 216 11.47 13.00 0.21
N ASP A 217 10.60 12.43 -0.61
CA ASP A 217 10.20 13.16 -1.81
C ASP A 217 8.92 13.95 -1.59
N ARG A 218 8.47 14.00 -0.35
CA ARG A 218 7.33 14.83 -0.03
C ARG A 218 7.42 15.18 1.43
N LEU A 219 7.01 16.39 1.77
CA LEU A 219 7.07 16.76 3.17
C LEU A 219 5.76 17.39 3.58
N MET A 220 5.61 17.58 4.87
CA MET A 220 4.45 18.27 5.38
C MET A 220 4.93 19.26 6.42
N VAL A 221 4.27 20.41 6.41
CA VAL A 221 4.52 21.44 7.40
C VAL A 221 3.35 21.38 8.36
N GLU A 222 3.65 21.51 9.65
CA GLU A 222 2.64 21.48 10.69
C GLU A 222 2.86 22.61 11.68
N PRO A 223 1.77 23.12 12.25
CA PRO A 223 1.95 24.12 13.31
C PRO A 223 2.46 23.43 14.55
N ARG A 224 3.34 24.08 15.31
CA ARG A 224 3.67 23.56 16.63
C ARG A 224 2.50 23.81 17.58
N ILE A 225 1.89 22.73 18.04
CA ILE A 225 0.67 22.75 18.83
C ILE A 225 1.02 22.63 20.31
N ARG A 226 0.46 23.50 21.14
CA ARG A 226 0.64 23.35 22.58
C ARG A 226 -0.29 22.24 23.05
N GLY A 227 0.23 21.34 23.87
CA GLY A 227 -0.62 20.28 24.39
C GLY A 227 0.16 19.04 24.71
N ARG A 228 -0.54 18.06 25.25
CA ARG A 228 0.10 16.82 25.64
C ARG A 228 0.05 15.81 24.51
N GLU A 229 1.10 15.00 24.41
CA GLU A 229 1.15 13.94 23.41
C GLU A 229 0.62 12.68 24.05
N ILE A 230 -0.61 12.33 23.68
CA ILE A 230 -1.32 11.21 24.26
C ILE A 230 -1.38 10.09 23.24
N GLU A 231 -1.23 8.85 23.70
CA GLU A 231 -1.24 7.73 22.78
C GLU A 231 -2.29 6.74 23.22
N CYS A 232 -2.77 5.95 22.27
CA CYS A 232 -3.79 4.95 22.55
C CYS A 232 -3.54 3.75 21.67
N ALA A 233 -3.49 2.57 22.29
CA ALA A 233 -3.25 1.33 21.57
C ALA A 233 -4.58 0.75 21.16
N VAL A 234 -4.70 0.45 19.87
CA VAL A 234 -5.91 -0.16 19.33
C VAL A 234 -5.61 -1.59 18.90
N LEU A 235 -6.56 -2.48 19.18
CA LEU A 235 -6.40 -3.90 18.85
C LEU A 235 -7.68 -4.43 18.26
N GLY A 236 -7.57 -5.11 17.13
CA GLY A 236 -8.72 -5.77 16.55
C GLY A 236 -8.70 -5.71 15.04
N ASN A 237 -9.72 -6.32 14.44
CA ASN A 237 -9.93 -6.24 13.01
C ASN A 237 -11.16 -5.38 12.81
N GLY A 238 -12.31 -6.03 12.71
CA GLY A 238 -13.56 -5.34 12.50
C GLY A 238 -14.10 -4.63 13.74
N ALA A 239 -13.88 -5.23 14.91
CA ALA A 239 -14.37 -4.65 16.17
C ALA A 239 -13.24 -4.22 17.08
N PRO A 240 -12.57 -3.12 16.74
CA PRO A 240 -11.37 -2.66 17.44
C PRO A 240 -11.65 -2.23 18.87
N LYS A 241 -10.70 -2.51 19.76
CA LYS A 241 -10.77 -2.10 21.16
C LYS A 241 -9.62 -1.15 21.43
N ALA A 242 -9.84 -0.23 22.35
CA ALA A 242 -8.83 0.78 22.63
C ALA A 242 -8.31 0.62 24.06
N SER A 243 -7.01 0.79 24.25
CA SER A 243 -6.40 0.72 25.57
C SER A 243 -6.71 2.00 26.34
N LEU A 244 -6.35 2.00 27.62
CA LEU A 244 -6.28 3.25 28.34
C LEU A 244 -5.21 4.10 27.67
N PRO A 245 -5.45 5.42 27.60
CA PRO A 245 -4.50 6.34 26.98
C PRO A 245 -3.19 6.37 27.75
N GLY A 246 -2.09 6.59 27.05
CA GLY A 246 -0.81 6.80 27.70
C GLY A 246 -0.30 8.16 27.28
N GLU A 247 0.82 8.59 27.87
CA GLU A 247 1.40 9.86 27.51
C GLU A 247 2.89 9.73 27.27
N ILE A 248 3.39 10.52 26.34
CA ILE A 248 4.81 10.58 26.12
C ILE A 248 5.22 12.03 26.26
N ILE A 249 6.36 12.25 26.87
CA ILE A 249 6.88 13.61 27.01
C ILE A 249 8.27 13.67 26.40
N PRO A 250 8.36 14.26 25.22
CA PRO A 250 9.65 14.49 24.57
C PRO A 250 10.60 15.21 25.51
N HIS A 251 11.86 14.83 25.50
CA HIS A 251 12.87 15.48 26.32
C HIS A 251 13.43 16.71 25.59
N ALA A 267 12.67 10.47 25.46
CA ALA A 267 11.35 10.79 25.96
C ALA A 267 10.97 10.01 27.22
N THR A 268 10.13 10.62 28.06
CA THR A 268 9.55 9.96 29.21
C THR A 268 8.16 9.47 28.84
N THR A 269 7.82 8.25 29.23
CA THR A 269 6.50 7.70 28.90
C THR A 269 5.80 7.21 30.14
N THR A 270 4.48 7.18 30.10
CA THR A 270 3.72 6.68 31.23
C THR A 270 2.35 6.25 30.77
N THR A 271 1.82 5.23 31.42
CA THR A 271 0.50 4.73 31.08
C THR A 271 -0.53 5.39 32.01
N SER A 272 -0.03 6.18 32.95
CA SER A 272 -0.89 6.94 33.86
C SER A 272 -0.90 8.40 33.49
N VAL A 273 -2.00 8.85 32.90
CA VAL A 273 -2.16 10.25 32.57
C VAL A 273 -3.44 10.66 33.28
N ASP A 274 -3.52 11.89 33.76
CA ASP A 274 -4.73 12.29 34.49
C ASP A 274 -5.70 13.12 33.64
N LEU A 275 -6.30 12.45 32.66
CA LEU A 275 -7.27 13.05 31.77
C LEU A 275 -8.67 12.82 32.31
N SER A 276 -9.56 13.78 32.04
CA SER A 276 -10.95 13.67 32.45
C SER A 276 -11.58 12.42 31.87
N GLU A 277 -12.72 12.02 32.42
CA GLU A 277 -13.48 10.90 31.90
C GLU A 277 -13.85 11.19 30.45
N SER A 278 -14.27 12.42 30.19
CA SER A 278 -14.65 12.84 28.84
C SER A 278 -13.51 12.72 27.83
N VAL A 279 -12.36 13.27 28.18
CA VAL A 279 -11.23 13.26 27.26
C VAL A 279 -10.74 11.84 27.01
N THR A 280 -10.64 11.05 28.08
CA THR A 280 -10.26 9.66 27.96
C THR A 280 -11.16 8.94 26.96
N LYS A 281 -12.48 9.11 27.14
CA LYS A 281 -13.45 8.49 26.26
C LYS A 281 -13.30 8.94 24.82
N GLN A 282 -12.98 10.22 24.62
CA GLN A 282 -12.82 10.75 23.27
C GLN A 282 -11.60 10.13 22.61
N ILE A 283 -10.48 10.16 23.33
CA ILE A 283 -9.25 9.55 22.84
C ILE A 283 -9.52 8.11 22.40
N GLN A 284 -10.19 7.35 23.25
CA GLN A 284 -10.45 5.95 22.93
C GLN A 284 -11.36 5.82 21.71
N GLN A 285 -12.41 6.63 21.65
CA GLN A 285 -13.36 6.48 20.55
C GLN A 285 -12.76 6.92 19.22
N ILE A 286 -12.01 8.00 19.25
CA ILE A 286 -11.38 8.51 18.03
C ILE A 286 -10.30 7.56 17.57
N ALA A 287 -9.57 6.99 18.52
CA ALA A 287 -8.55 5.98 18.14
C ALA A 287 -9.20 4.83 17.36
N ILE A 288 -10.32 4.32 17.88
CA ILE A 288 -11.05 3.25 17.23
C ILE A 288 -11.61 3.69 15.89
N ASP A 289 -12.19 4.88 15.84
CA ASP A 289 -12.75 5.38 14.59
C ASP A 289 -11.66 5.62 13.53
N ALA A 290 -10.53 6.16 13.95
CA ALA A 290 -9.40 6.39 13.07
C ALA A 290 -8.89 5.06 12.51
N PHE A 291 -8.70 4.10 13.40
CA PHE A 291 -8.28 2.75 13.06
C PHE A 291 -9.17 2.22 11.94
N LYS A 292 -10.47 2.39 12.11
CA LYS A 292 -11.41 1.86 11.12
C LYS A 292 -11.36 2.66 9.83
N MET A 293 -11.20 3.98 9.97
CA MET A 293 -11.23 4.89 8.83
C MET A 293 -10.08 4.66 7.86
N VAL A 294 -8.95 4.19 8.36
CA VAL A 294 -7.84 3.86 7.49
C VAL A 294 -7.81 2.37 7.20
N HIS A 295 -8.87 1.67 7.58
CA HIS A 295 -9.03 0.24 7.28
C HIS A 295 -7.86 -0.58 7.80
N CYS A 296 -7.46 -0.25 9.02
CA CYS A 296 -6.38 -0.96 9.67
C CYS A 296 -6.84 -2.34 10.14
N SER A 297 -5.87 -3.20 10.42
CA SER A 297 -6.13 -4.54 10.90
C SER A 297 -5.13 -4.83 11.97
N GLY A 298 -5.55 -5.65 12.93
CA GLY A 298 -4.68 -6.15 13.98
C GLY A 298 -4.38 -5.12 15.05
N MET A 299 -3.51 -4.18 14.73
CA MET A 299 -3.07 -3.20 15.73
C MET A 299 -2.66 -1.86 15.14
N ALA A 300 -2.81 -0.82 15.95
CA ALA A 300 -2.24 0.48 15.63
C ALA A 300 -2.04 1.21 16.93
N ARG A 301 -0.98 2.02 16.99
CA ARG A 301 -0.92 3.02 18.03
C ARG A 301 -1.31 4.36 17.42
N VAL A 302 -2.38 4.95 17.94
CA VAL A 302 -2.82 6.26 17.48
C VAL A 302 -2.26 7.32 18.40
N ASP A 303 -1.53 8.26 17.81
CA ASP A 303 -0.87 9.32 18.57
C ASP A 303 -1.66 10.61 18.37
N PHE A 304 -1.95 11.24 19.50
CA PHE A 304 -2.77 12.45 19.52
C PHE A 304 -2.01 13.61 20.13
N PHE A 305 -2.51 14.81 19.86
CA PHE A 305 -2.26 15.95 20.74
C PHE A 305 -3.57 16.23 21.46
N VAL A 306 -3.48 16.52 22.76
CA VAL A 306 -4.61 17.04 23.49
C VAL A 306 -4.25 18.46 23.92
N THR A 307 -5.00 19.43 23.39
CA THR A 307 -4.68 20.83 23.63
C THR A 307 -5.06 21.24 25.06
N PRO A 308 -4.54 22.39 25.49
CA PRO A 308 -4.90 22.87 26.82
C PRO A 308 -6.42 23.03 26.96
N ASN A 309 -7.10 23.41 25.89
CA ASN A 309 -8.55 23.48 25.91
C ASN A 309 -9.21 22.11 25.76
N ASN A 310 -8.41 21.06 25.94
CA ASN A 310 -8.90 19.68 25.82
C ASN A 310 -9.44 19.27 24.45
N LYS A 311 -8.92 19.88 23.39
CA LYS A 311 -9.29 19.40 22.06
C LYS A 311 -8.41 18.22 21.69
N VAL A 312 -9.04 17.12 21.30
CA VAL A 312 -8.34 15.90 20.96
C VAL A 312 -8.08 15.83 19.45
N LEU A 313 -6.80 15.75 19.09
CA LEU A 313 -6.38 15.83 17.70
C LEU A 313 -5.47 14.66 17.35
N VAL A 314 -5.84 13.94 16.30
CA VAL A 314 -4.97 12.86 15.85
C VAL A 314 -3.77 13.48 15.17
N ASN A 315 -2.58 13.00 15.50
CA ASN A 315 -1.41 13.40 14.75
C ASN A 315 -0.89 12.30 13.82
N GLU A 316 -0.98 11.05 14.27
CA GLU A 316 -0.35 9.97 13.55
C GLU A 316 -0.96 8.62 13.94
N ILE A 317 -0.95 7.69 13.00
CA ILE A 317 -1.29 6.28 13.29
C ILE A 317 -0.10 5.42 12.93
N ASN A 318 0.39 4.66 13.90
CA ASN A 318 1.58 3.84 13.72
C ASN A 318 1.16 2.39 13.69
N THR A 319 1.42 1.71 12.57
CA THR A 319 0.91 0.35 12.39
C THR A 319 1.93 -0.70 12.83
N ILE A 320 3.19 -0.34 12.92
CA ILE A 320 4.14 -1.24 13.57
C ILE A 320 4.85 -0.44 14.67
N PRO A 321 4.12 -0.20 15.77
CA PRO A 321 4.68 0.56 16.89
C PRO A 321 5.76 -0.24 17.59
N GLY A 322 6.63 0.42 18.33
CA GLY A 322 7.62 -0.27 19.13
C GLY A 322 6.96 -1.35 19.95
N PHE A 323 7.64 -2.47 20.14
CA PHE A 323 7.06 -3.59 20.85
C PHE A 323 8.04 -4.18 21.86
N THR A 324 9.05 -3.38 22.22
CA THR A 324 9.98 -3.77 23.26
C THR A 324 9.23 -3.82 24.58
N ASN A 325 9.85 -4.38 25.59
CA ASN A 325 9.18 -4.53 26.89
C ASN A 325 8.82 -3.21 27.56
N ILE A 326 9.38 -2.10 27.08
CA ILE A 326 9.03 -0.81 27.65
C ILE A 326 8.30 0.07 26.64
N SER A 327 7.97 -0.49 25.47
CA SER A 327 7.31 0.27 24.43
C SER A 327 5.85 0.55 24.78
N MET A 328 5.37 1.72 24.36
CA MET A 328 4.04 2.16 24.74
C MET A 328 2.92 1.22 24.30
N TYR A 329 3.01 0.67 23.09
CA TYR A 329 1.92 -0.18 22.65
C TYR A 329 1.64 -1.36 23.60
N PRO A 330 2.64 -2.23 23.83
CA PRO A 330 2.37 -3.28 24.82
C PRO A 330 2.14 -2.74 26.24
N LYS A 331 2.87 -1.71 26.66
CA LYS A 331 2.69 -1.18 28.01
C LYS A 331 1.27 -0.66 28.25
N MET A 332 0.71 0.06 27.28
CA MET A 332 -0.66 0.53 27.41
C MET A 332 -1.65 -0.62 27.55
N TRP A 333 -1.50 -1.67 26.72
CA TRP A 333 -2.36 -2.83 26.88
C TRP A 333 -2.20 -3.48 28.25
N GLU A 334 -0.96 -3.66 28.69
CA GLU A 334 -0.74 -4.26 30.01
C GLU A 334 -1.46 -3.46 31.07
N ALA A 335 -1.40 -2.13 30.93
CA ALA A 335 -2.00 -1.23 31.89
C ALA A 335 -3.52 -1.27 31.82
N SER A 336 -4.03 -1.88 30.74
CA SER A 336 -5.46 -1.97 30.51
C SER A 336 -6.00 -3.35 30.88
N GLY A 337 -5.14 -4.20 31.41
CA GLY A 337 -5.55 -5.53 31.84
C GLY A 337 -5.30 -6.60 30.78
N LEU A 338 -4.48 -6.29 29.79
CA LEU A 338 -4.16 -7.28 28.77
C LEU A 338 -2.66 -7.58 28.77
N PRO A 339 -2.24 -8.66 29.45
CA PRO A 339 -0.80 -8.98 29.47
C PRO A 339 -0.24 -9.21 28.06
N CYS A 340 1.05 -8.96 27.88
CA CYS A 340 1.61 -9.03 26.53
C CYS A 340 1.46 -10.39 25.83
N PRO A 341 1.64 -11.52 26.55
CA PRO A 341 1.44 -12.81 25.91
C PRO A 341 0.04 -12.92 25.27
N ASN A 342 -0.97 -12.50 26.01
CA ASN A 342 -2.35 -12.55 25.53
C ASN A 342 -2.54 -11.60 24.36
N LEU A 343 -1.92 -10.43 24.44
CA LEU A 343 -1.97 -9.47 23.35
C LEU A 343 -1.42 -10.15 22.09
N LEU A 344 -0.28 -10.80 22.22
CA LEU A 344 0.34 -11.45 21.06
C LEU A 344 -0.56 -12.56 20.51
N ASP A 345 -1.18 -13.35 21.40
CA ASP A 345 -2.10 -14.38 20.94
C ASP A 345 -3.23 -13.77 20.13
N GLN A 346 -3.76 -12.66 20.63
CA GLN A 346 -4.86 -11.99 19.94
C GLN A 346 -4.42 -11.46 18.57
N LEU A 347 -3.23 -10.88 18.50
CA LEU A 347 -2.72 -10.39 17.23
C LEU A 347 -2.57 -11.54 16.22
N ILE A 348 -2.06 -12.68 16.69
CA ILE A 348 -1.92 -13.83 15.80
C ILE A 348 -3.29 -14.36 15.37
N GLU A 349 -4.23 -14.46 16.31
CA GLU A 349 -5.57 -14.93 15.97
C GLU A 349 -6.25 -14.00 14.96
N LEU A 350 -6.16 -12.70 15.18
CA LEU A 350 -6.71 -11.71 14.26
C LEU A 350 -6.09 -11.82 12.88
N ALA A 351 -4.79 -12.02 12.84
CA ALA A 351 -4.06 -12.19 11.59
C ALA A 351 -4.60 -13.40 10.81
N ILE A 352 -4.74 -14.53 11.49
CA ILE A 352 -5.21 -15.75 10.85
C ILE A 352 -6.65 -15.60 10.42
N ASP A 353 -7.47 -14.97 11.27
CA ASP A 353 -8.87 -14.76 10.91
C ASP A 353 -9.02 -13.88 9.69
N ARG A 354 -8.24 -12.80 9.63
CA ARG A 354 -8.28 -11.92 8.47
C ARG A 354 -7.90 -12.69 7.22
N HIS A 355 -6.82 -13.45 7.32
CA HIS A 355 -6.36 -14.25 6.18
C HIS A 355 -7.44 -15.22 5.69
N GLN A 356 -8.13 -15.85 6.64
CA GLN A 356 -9.14 -16.85 6.29
C GLN A 356 -10.31 -16.17 5.58
N GLU A 357 -10.73 -15.04 6.11
CA GLU A 357 -11.81 -14.26 5.49
C GLU A 357 -11.38 -13.78 4.11
N GLN A 358 -10.18 -13.21 3.99
CA GLN A 358 -9.72 -12.72 2.70
C GLN A 358 -9.62 -13.86 1.68
N GLN A 359 -9.16 -15.02 2.10
CA GLN A 359 -9.10 -16.18 1.21
C GLN A 359 -10.49 -16.59 0.71
N LYS A 360 -11.49 -16.52 1.58
CA LYS A 360 -12.85 -16.89 1.17
C LYS A 360 -13.40 -15.92 0.13
N LEU A 361 -13.20 -14.63 0.36
CA LEU A 361 -13.68 -13.60 -0.54
C LEU A 361 -13.06 -13.78 -1.91
N ILE A 362 -11.74 -13.94 -1.92
CA ILE A 362 -10.95 -14.17 -3.12
C ILE A 362 -11.49 -15.35 -3.92
N ARG A 363 -11.64 -16.48 -3.23
CA ARG A 363 -12.07 -17.69 -3.92
C ARG A 363 -13.51 -17.57 -4.43
N CYS A 364 -14.41 -17.02 -3.63
CA CYS A 364 -15.79 -16.89 -4.09
C CYS A 364 -15.86 -16.02 -5.34
N TYR A 365 -15.15 -14.92 -5.31
CA TYR A 365 -15.09 -14.00 -6.44
C TYR A 365 -14.51 -14.68 -7.66
N GLU A 366 -13.42 -15.40 -7.45
CA GLU A 366 -12.78 -16.18 -8.52
C GLU A 366 -13.80 -17.08 -9.22
N VAL A 367 -14.53 -17.86 -8.44
CA VAL A 367 -15.52 -18.77 -8.99
C VAL A 367 -16.60 -18.00 -9.75
N LYS A 368 -17.10 -16.93 -9.14
CA LYS A 368 -18.15 -16.15 -9.78
C LYS A 368 -17.61 -15.54 -11.07
N ALA A 369 -16.43 -14.93 -11.01
CA ALA A 369 -15.86 -14.22 -12.15
C ALA A 369 -15.63 -15.09 -13.38
N ARG A 370 -15.15 -16.31 -13.18
CA ARG A 370 -14.88 -17.21 -14.30
C ARG A 370 -16.11 -18.00 -14.74
N SER A 371 -17.21 -17.84 -14.02
CA SER A 371 -18.45 -18.55 -14.35
C SER A 371 -19.50 -17.59 -14.88
N LYS B 4 22.72 -3.35 -23.53
CA LYS B 4 21.27 -3.46 -23.39
C LYS B 4 20.88 -3.52 -21.91
N LEU B 5 19.68 -3.06 -21.61
CA LEU B 5 19.15 -3.17 -20.26
C LEU B 5 18.31 -4.44 -20.13
N HIS B 6 18.41 -5.11 -18.98
CA HIS B 6 17.59 -6.27 -18.72
C HIS B 6 16.22 -5.83 -18.21
N ILE B 7 15.18 -6.16 -18.97
CA ILE B 7 13.82 -5.80 -18.59
C ILE B 7 13.08 -7.10 -18.25
N SER B 8 12.53 -7.18 -17.06
CA SER B 8 11.66 -8.29 -16.69
C SER B 8 10.21 -7.84 -16.73
N VAL B 9 9.41 -8.47 -17.57
CA VAL B 9 7.99 -8.15 -17.64
C VAL B 9 7.24 -9.19 -16.81
N LEU B 10 6.47 -8.70 -15.85
CA LEU B 10 5.77 -9.58 -14.90
C LEU B 10 4.32 -9.67 -15.32
N CYS B 11 3.79 -10.89 -15.44
CA CYS B 11 2.41 -11.06 -15.86
C CYS B 11 1.76 -12.30 -15.27
N GLY B 12 0.44 -12.38 -15.46
CA GLY B 12 -0.33 -13.48 -14.94
C GLY B 12 -0.95 -13.06 -13.64
N GLY B 13 -0.57 -13.76 -12.57
CA GLY B 13 -0.99 -13.36 -11.24
C GLY B 13 -2.21 -14.10 -10.77
N GLN B 14 -2.43 -14.08 -9.45
CA GLN B 14 -3.64 -14.63 -8.86
C GLN B 14 -4.67 -13.51 -8.90
N SER B 15 -5.22 -13.30 -10.08
CA SER B 15 -6.15 -12.22 -10.34
C SER B 15 -7.11 -12.66 -11.43
N THR B 16 -8.31 -12.12 -11.41
CA THR B 16 -9.29 -12.42 -12.43
C THR B 16 -8.92 -11.82 -13.77
N GLU B 17 -7.98 -10.87 -13.77
CA GLU B 17 -7.48 -10.27 -15.00
C GLU B 17 -6.20 -10.97 -15.52
N HIS B 18 -5.96 -12.17 -15.03
CA HIS B 18 -4.81 -12.97 -15.43
C HIS B 18 -4.63 -13.02 -16.96
N GLU B 19 -5.67 -13.37 -17.70
CA GLU B 19 -5.52 -13.48 -19.15
C GLU B 19 -5.25 -12.16 -19.88
N ILE B 20 -5.87 -11.07 -19.41
CA ILE B 20 -5.58 -9.77 -20.02
C ILE B 20 -4.15 -9.35 -19.72
N SER B 21 -3.69 -9.64 -18.51
CA SER B 21 -2.31 -9.44 -18.14
C SER B 21 -1.33 -10.14 -19.10
N ILE B 22 -1.65 -11.37 -19.47
CA ILE B 22 -0.79 -12.10 -20.39
C ILE B 22 -0.78 -11.39 -21.75
N GLN B 23 -1.95 -10.95 -22.20
CA GLN B 23 -2.07 -10.25 -23.47
C GLN B 23 -1.38 -8.87 -23.41
N SER B 24 -1.47 -8.21 -22.27
CA SER B 24 -0.76 -6.94 -22.10
C SER B 24 0.74 -7.19 -22.23
N ALA B 25 1.21 -8.17 -21.47
CA ALA B 25 2.62 -8.56 -21.51
C ALA B 25 3.08 -8.93 -22.92
N LYS B 26 2.26 -9.68 -23.66
CA LYS B 26 2.68 -10.10 -25.00
C LYS B 26 2.90 -8.87 -25.88
N ASN B 27 1.97 -7.91 -25.80
CA ASN B 27 2.11 -6.67 -26.55
C ASN B 27 3.41 -5.95 -26.16
N ILE B 28 3.62 -5.81 -24.87
CA ILE B 28 4.84 -5.16 -24.38
C ILE B 28 6.09 -5.89 -24.84
N VAL B 29 6.13 -7.20 -24.64
CA VAL B 29 7.30 -7.96 -25.04
C VAL B 29 7.50 -7.86 -26.55
N ASN B 30 6.39 -7.89 -27.29
CA ASN B 30 6.41 -7.80 -28.76
C ASN B 30 6.92 -6.44 -29.25
N THR B 31 6.72 -5.39 -28.43
CA THR B 31 6.92 -4.01 -28.86
C THR B 31 8.17 -3.34 -28.28
N LEU B 32 8.72 -3.93 -27.23
CA LEU B 32 9.95 -3.40 -26.65
C LEU B 32 11.05 -3.45 -27.69
N ASP B 33 11.86 -2.40 -27.72
CA ASP B 33 12.91 -2.26 -28.70
C ASP B 33 14.02 -3.27 -28.44
N ALA B 34 14.15 -4.24 -29.34
CA ALA B 34 15.13 -5.31 -29.19
C ALA B 34 16.57 -4.80 -29.14
N ALA B 35 16.81 -3.63 -29.72
CA ALA B 35 18.14 -3.05 -29.74
C ALA B 35 18.54 -2.50 -28.38
N LYS B 36 17.54 -2.21 -27.54
CA LYS B 36 17.79 -1.56 -26.25
C LYS B 36 17.69 -2.51 -25.08
N TYR B 37 16.95 -3.61 -25.26
CA TYR B 37 16.59 -4.44 -24.12
C TYR B 37 16.82 -5.94 -24.31
N LEU B 38 17.24 -6.59 -23.23
CA LEU B 38 17.18 -8.03 -23.13
C LEU B 38 15.98 -8.33 -22.26
N ILE B 39 15.00 -9.00 -22.86
CA ILE B 39 13.69 -9.12 -22.24
C ILE B 39 13.50 -10.50 -21.62
N SER B 40 13.14 -10.50 -20.34
CA SER B 40 12.74 -11.71 -19.63
C SER B 40 11.28 -11.58 -19.26
N VAL B 41 10.58 -12.70 -19.20
CA VAL B 41 9.21 -12.66 -18.76
C VAL B 41 9.09 -13.47 -17.48
N ILE B 42 8.47 -12.87 -16.47
CA ILE B 42 8.15 -13.58 -15.25
C ILE B 42 6.66 -13.86 -15.30
N PHE B 43 6.31 -15.12 -15.22
CA PHE B 43 4.90 -15.51 -15.24
C PHE B 43 4.50 -16.02 -13.87
N ILE B 44 3.44 -15.44 -13.32
CA ILE B 44 2.92 -15.90 -12.04
C ILE B 44 1.63 -16.65 -12.29
N ASP B 45 1.60 -17.93 -11.95
CA ASP B 45 0.43 -18.75 -12.29
C ASP B 45 -0.72 -18.54 -11.29
N HIS B 46 -1.83 -19.21 -11.52
CA HIS B 46 -3.02 -18.95 -10.70
C HIS B 46 -2.83 -19.30 -9.23
N VAL B 47 -1.84 -20.15 -8.95
CA VAL B 47 -1.62 -20.59 -7.58
C VAL B 47 -0.44 -19.87 -6.94
N GLY B 48 0.05 -18.84 -7.62
CA GLY B 48 1.07 -17.98 -7.04
C GLY B 48 2.50 -18.42 -7.28
N ARG B 49 2.69 -19.42 -8.12
CA ARG B 49 4.05 -19.88 -8.43
C ARG B 49 4.68 -18.99 -9.49
N TRP B 50 5.98 -18.71 -9.35
CA TRP B 50 6.68 -17.81 -10.27
C TRP B 50 7.61 -18.55 -11.24
N TYR B 51 7.61 -18.14 -12.50
CA TYR B 51 8.41 -18.78 -13.53
C TYR B 51 9.13 -17.75 -14.38
N LEU B 52 10.33 -18.08 -14.81
CA LEU B 52 11.07 -17.16 -15.66
C LEU B 52 11.21 -17.72 -17.06
N ILE B 53 10.90 -16.87 -18.03
CA ILE B 53 11.11 -17.20 -19.43
C ILE B 53 12.17 -16.27 -19.96
N ASP B 54 13.34 -16.81 -20.32
CA ASP B 54 14.40 -15.92 -20.77
C ASP B 54 14.53 -15.91 -22.27
N GLN B 55 13.57 -16.51 -22.95
CA GLN B 55 13.49 -16.41 -24.41
C GLN B 55 12.20 -15.69 -24.76
N PRO B 56 12.27 -14.36 -24.96
CA PRO B 56 11.04 -13.60 -25.19
C PRO B 56 10.25 -14.15 -26.37
N GLU B 57 10.94 -14.65 -27.38
CA GLU B 57 10.24 -15.16 -28.56
C GLU B 57 9.36 -16.39 -28.24
N MET B 58 9.76 -17.17 -27.23
CA MET B 58 8.98 -18.32 -26.78
C MET B 58 7.68 -17.82 -26.15
N PHE B 59 7.81 -16.79 -25.32
CA PHE B 59 6.65 -16.17 -24.69
C PHE B 59 5.68 -15.62 -25.73
N LEU B 60 6.22 -15.08 -26.81
CA LEU B 60 5.37 -14.53 -27.86
C LEU B 60 4.69 -15.65 -28.64
N ALA B 61 5.38 -16.77 -28.80
CA ALA B 61 4.89 -17.85 -29.65
C ALA B 61 3.91 -18.79 -28.95
N HIS B 62 3.97 -18.83 -27.62
CA HIS B 62 3.24 -19.82 -26.82
C HIS B 62 2.57 -19.17 -25.63
N SER B 63 1.54 -19.83 -25.09
CA SER B 63 0.97 -19.37 -23.83
C SER B 63 1.95 -19.67 -22.70
N PRO B 64 1.88 -18.89 -21.62
CA PRO B 64 2.78 -19.19 -20.51
C PRO B 64 2.47 -20.55 -19.89
N ASP B 65 1.20 -20.94 -19.82
CA ASP B 65 0.89 -22.24 -19.28
C ASP B 65 1.58 -23.36 -20.07
N HIS B 66 1.62 -23.21 -21.39
CA HIS B 66 2.28 -24.19 -22.25
C HIS B 66 3.77 -24.23 -21.91
N LEU B 67 4.36 -23.06 -21.76
CA LEU B 67 5.77 -22.97 -21.42
C LEU B 67 6.07 -23.57 -20.07
N VAL B 68 5.13 -23.43 -19.14
CA VAL B 68 5.32 -24.02 -17.83
C VAL B 68 5.30 -25.53 -17.97
N LYS B 69 4.29 -26.03 -18.69
CA LYS B 69 4.19 -27.47 -18.87
C LYS B 69 5.39 -28.01 -19.63
N GLU B 70 5.82 -27.28 -20.66
CA GLU B 70 6.99 -27.69 -21.42
C GLU B 70 8.29 -27.57 -20.60
N GLY B 71 8.33 -26.65 -19.65
CA GLY B 71 9.50 -26.49 -18.81
C GLY B 71 10.36 -25.29 -19.17
N SER B 72 10.07 -24.65 -20.30
CA SER B 72 10.83 -23.46 -20.70
C SER B 72 10.60 -22.29 -19.75
N ALA B 73 9.45 -22.28 -19.09
CA ALA B 73 9.18 -21.32 -18.02
C ALA B 73 9.73 -21.94 -16.75
N ARG B 74 10.90 -21.49 -16.30
CA ARG B 74 11.59 -22.11 -15.18
C ARG B 74 11.08 -21.57 -13.86
N PRO B 75 10.78 -22.46 -12.91
CA PRO B 75 10.40 -22.02 -11.56
C PRO B 75 11.52 -21.16 -10.99
N ILE B 76 11.17 -20.02 -10.42
CA ILE B 76 12.19 -19.17 -9.83
C ILE B 76 11.75 -18.73 -8.45
N THR B 77 12.72 -18.24 -7.69
CA THR B 77 12.42 -17.48 -6.51
C THR B 77 13.22 -16.20 -6.61
N ILE B 78 13.30 -15.46 -5.52
CA ILE B 78 14.02 -14.21 -5.57
C ILE B 78 15.33 -14.34 -4.83
N ALA B 79 16.29 -13.52 -5.18
CA ALA B 79 17.51 -13.46 -4.41
C ALA B 79 17.50 -12.11 -3.73
N PHE B 80 17.45 -12.11 -2.40
CA PHE B 80 17.40 -10.85 -1.67
C PHE B 80 18.78 -10.16 -1.62
N LYS B 85 20.61 -8.82 -9.85
CA LYS B 85 20.21 -10.17 -10.19
C LYS B 85 19.23 -10.69 -9.15
N PRO B 86 17.97 -10.23 -9.26
CA PRO B 86 16.90 -10.51 -8.30
C PRO B 86 16.27 -11.88 -8.46
N TRP B 87 16.35 -12.51 -9.64
CA TRP B 87 15.69 -13.79 -9.81
C TRP B 87 16.70 -14.94 -9.71
N GLN B 88 16.27 -16.02 -9.09
CA GLN B 88 17.13 -17.19 -8.92
C GLN B 88 16.35 -18.45 -9.25
N SER B 89 16.95 -19.36 -10.01
CA SER B 89 16.22 -20.55 -10.42
C SER B 89 16.05 -21.49 -9.22
N LEU B 90 15.03 -22.34 -9.30
CA LEU B 90 14.79 -23.37 -8.28
C LEU B 90 15.22 -24.75 -8.78
N ASP B 93 20.02 -25.53 -10.78
CA ASP B 93 21.32 -25.04 -11.21
C ASP B 93 21.83 -23.86 -10.34
N GLY B 94 20.93 -23.23 -9.60
CA GLY B 94 21.30 -22.13 -8.71
C GLY B 94 21.59 -20.84 -9.46
N ARG B 95 21.20 -20.81 -10.73
CA ARG B 95 21.47 -19.68 -11.59
C ARG B 95 20.68 -18.43 -11.17
N ARG B 96 21.31 -17.27 -11.33
CA ARG B 96 20.65 -16.00 -11.05
C ARG B 96 20.46 -15.21 -12.34
N TYR B 97 19.38 -14.45 -12.42
CA TYR B 97 19.03 -13.74 -13.66
C TYR B 97 18.93 -12.24 -13.40
N SER B 98 19.48 -11.44 -14.32
CA SER B 98 19.54 -10.00 -14.13
C SER B 98 18.21 -9.31 -14.40
N ALA B 99 18.00 -8.17 -13.74
CA ALA B 99 16.90 -7.29 -14.09
C ALA B 99 17.32 -5.84 -13.81
N ASP B 100 17.33 -5.00 -14.85
CA ASP B 100 17.64 -3.59 -14.64
C ASP B 100 16.38 -2.76 -14.42
N CYS B 101 15.24 -3.30 -14.84
CA CYS B 101 13.98 -2.63 -14.62
C CYS B 101 12.88 -3.66 -14.76
N VAL B 102 11.86 -3.54 -13.92
CA VAL B 102 10.75 -4.47 -13.98
C VAL B 102 9.53 -3.75 -14.49
N PHE B 103 8.75 -4.45 -15.31
CA PHE B 103 7.54 -3.93 -15.88
C PHE B 103 6.42 -4.78 -15.29
N PRO B 104 5.87 -4.38 -14.15
CA PRO B 104 4.80 -5.21 -13.60
C PRO B 104 3.57 -5.02 -14.49
N MET B 105 2.96 -6.11 -14.91
CA MET B 105 1.90 -6.02 -15.89
C MET B 105 0.81 -6.97 -15.43
N VAL B 106 0.74 -7.12 -14.12
CA VAL B 106 -0.34 -7.87 -13.49
C VAL B 106 -1.45 -6.87 -13.22
N HIS B 107 -2.65 -7.15 -13.74
CA HIS B 107 -3.80 -6.26 -13.54
C HIS B 107 -4.58 -6.70 -12.32
N GLY B 108 -5.15 -5.74 -11.60
CA GLY B 108 -6.00 -6.04 -10.45
C GLY B 108 -5.26 -6.64 -9.27
N THR B 109 -5.87 -7.66 -8.68
CA THR B 109 -5.38 -8.20 -7.42
C THR B 109 -3.90 -8.55 -7.50
N GLN B 110 -3.16 -8.12 -6.48
CA GLN B 110 -1.73 -8.35 -6.31
C GLN B 110 -0.84 -7.61 -7.32
N GLY B 111 -1.41 -7.19 -8.45
CA GLY B 111 -0.67 -6.45 -9.45
C GLY B 111 -0.74 -4.93 -9.34
N GLU B 112 -1.92 -4.42 -9.05
CA GLU B 112 -2.15 -2.97 -8.98
C GLU B 112 -2.41 -2.51 -7.56
N ASP B 113 -2.30 -3.43 -6.61
CA ASP B 113 -2.75 -3.16 -5.24
C ASP B 113 -1.60 -3.03 -4.25
N GLY B 114 -0.40 -2.88 -4.79
CA GLY B 114 0.75 -2.53 -3.99
C GLY B 114 1.57 -3.71 -3.57
N ALA B 115 1.00 -4.91 -3.64
CA ALA B 115 1.72 -6.07 -3.15
C ALA B 115 2.95 -6.35 -4.00
N LEU B 116 2.75 -6.44 -5.31
CA LEU B 116 3.86 -6.66 -6.21
C LEU B 116 4.86 -5.51 -6.13
N GLN B 117 4.35 -4.28 -6.12
CA GLN B 117 5.23 -3.10 -5.94
C GLN B 117 6.04 -3.22 -4.65
N GLY B 118 5.40 -3.68 -3.59
CA GLY B 118 6.07 -3.89 -2.31
C GLY B 118 7.26 -4.81 -2.42
N LEU B 119 7.07 -5.93 -3.11
CA LEU B 119 8.17 -6.86 -3.31
C LEU B 119 9.29 -6.20 -4.12
N LEU B 120 8.91 -5.48 -5.15
CA LEU B 120 9.91 -4.85 -6.01
C LEU B 120 10.66 -3.78 -5.22
N GLU B 121 9.96 -3.09 -4.31
CA GLU B 121 10.61 -2.15 -3.40
C GLU B 121 11.61 -2.86 -2.49
N LEU B 122 11.18 -3.97 -1.90
CA LEU B 122 12.09 -4.77 -1.05
C LEU B 122 13.33 -5.21 -1.80
N LEU B 123 13.20 -5.43 -3.10
CA LEU B 123 14.32 -5.91 -3.91
C LEU B 123 15.15 -4.76 -4.48
N ASN B 124 14.76 -3.52 -4.16
CA ASN B 124 15.41 -2.31 -4.67
C ASN B 124 15.53 -2.32 -6.19
N LEU B 125 14.51 -2.85 -6.85
CA LEU B 125 14.45 -2.85 -8.31
C LEU B 125 13.69 -1.64 -8.83
N PRO B 126 14.22 -1.02 -9.88
CA PRO B 126 13.41 -0.04 -10.60
C PRO B 126 12.20 -0.78 -11.17
N TYR B 127 11.05 -0.12 -11.19
CA TYR B 127 9.88 -0.73 -11.81
C TYR B 127 8.95 0.32 -12.32
N VAL B 128 8.22 -0.03 -13.37
CA VAL B 128 7.37 0.91 -14.06
C VAL B 128 6.11 1.12 -13.24
N GLY B 129 5.64 2.36 -13.21
CA GLY B 129 4.31 2.62 -12.70
C GLY B 129 4.23 3.04 -11.25
N ALA B 130 3.01 3.02 -10.73
CA ALA B 130 2.73 3.57 -9.40
C ALA B 130 3.47 2.76 -8.33
N ASN B 131 3.87 3.44 -7.26
CA ASN B 131 4.55 2.81 -6.15
C ASN B 131 3.53 2.15 -5.25
N VAL B 132 3.96 1.66 -4.10
CA VAL B 132 3.07 0.88 -3.25
C VAL B 132 1.86 1.73 -2.84
N GLN B 133 2.16 2.90 -2.30
CA GLN B 133 1.17 3.79 -1.76
C GLN B 133 0.15 4.21 -2.83
N SER B 134 0.65 4.67 -3.96
CA SER B 134 -0.21 5.13 -5.04
C SER B 134 -1.04 3.99 -5.63
N SER B 135 -0.42 2.83 -5.82
CA SER B 135 -1.16 1.62 -6.21
C SER B 135 -2.30 1.32 -5.23
N ALA B 136 -1.98 1.31 -3.94
CA ALA B 136 -3.00 1.01 -2.94
C ALA B 136 -4.14 2.06 -2.97
N VAL B 137 -3.78 3.33 -3.07
CA VAL B 137 -4.79 4.40 -3.12
C VAL B 137 -5.69 4.31 -4.36
N CYS B 138 -5.12 3.91 -5.50
CA CYS B 138 -5.88 3.86 -6.73
C CYS B 138 -6.65 2.58 -6.86
N MET B 139 -6.19 1.54 -6.16
CA MET B 139 -6.77 0.22 -6.27
C MET B 139 -8.14 0.20 -5.61
N GLU B 140 -8.24 0.87 -4.47
CA GLU B 140 -9.47 0.90 -3.71
C GLU B 140 -10.18 2.16 -4.06
N LYS B 141 -11.25 2.02 -4.83
CA LYS B 141 -11.81 3.16 -5.53
C LYS B 141 -12.43 4.22 -4.62
N ASP B 142 -12.93 3.80 -3.46
CA ASP B 142 -13.49 4.78 -2.52
C ASP B 142 -12.38 5.61 -1.86
N LEU B 143 -11.26 4.97 -1.59
CA LEU B 143 -10.07 5.66 -1.08
C LEU B 143 -9.52 6.63 -2.13
N THR B 144 -9.51 6.21 -3.39
CA THR B 144 -9.08 7.11 -4.46
C THR B 144 -9.92 8.36 -4.46
N LYS B 145 -11.23 8.17 -4.39
CA LYS B 145 -12.14 9.31 -4.48
C LYS B 145 -12.03 10.15 -3.23
N THR B 146 -11.72 9.52 -2.10
CA THR B 146 -11.59 10.24 -0.86
C THR B 146 -10.44 11.21 -1.01
N VAL B 147 -9.32 10.71 -1.51
CA VAL B 147 -8.13 11.52 -1.69
C VAL B 147 -8.34 12.59 -2.76
N LEU B 148 -8.96 12.21 -3.88
CA LEU B 148 -9.17 13.15 -4.96
C LEU B 148 -10.11 14.27 -4.56
N ARG B 149 -11.24 13.92 -3.96
CA ARG B 149 -12.20 14.93 -3.55
C ARG B 149 -11.60 15.87 -2.51
N ALA B 150 -10.83 15.32 -1.58
CA ALA B 150 -10.20 16.14 -0.56
C ALA B 150 -9.31 17.22 -1.19
N GLY B 151 -8.72 16.90 -2.33
CA GLY B 151 -7.85 17.83 -3.03
C GLY B 151 -8.58 18.66 -4.06
N GLY B 152 -9.91 18.56 -4.08
CA GLY B 152 -10.73 19.39 -4.94
C GLY B 152 -10.91 18.87 -6.37
N ILE B 153 -10.56 17.60 -6.60
CA ILE B 153 -10.79 17.00 -7.92
C ILE B 153 -12.24 16.56 -7.97
N PRO B 154 -12.95 16.88 -9.06
CA PRO B 154 -14.35 16.46 -9.16
C PRO B 154 -14.45 14.95 -9.39
N VAL B 155 -15.23 14.26 -8.58
CA VAL B 155 -15.40 12.82 -8.73
C VAL B 155 -16.87 12.46 -8.60
N VAL B 156 -17.25 11.34 -9.20
CA VAL B 156 -18.59 10.80 -9.06
C VAL B 156 -18.84 10.48 -7.59
N ASP B 157 -20.00 10.84 -7.08
CA ASP B 157 -20.32 10.61 -5.68
C ASP B 157 -20.24 9.14 -5.34
N TRP B 158 -20.05 8.86 -4.06
CA TRP B 158 -20.00 7.49 -3.59
C TRP B 158 -20.39 7.40 -2.14
N HIS B 159 -20.78 6.20 -1.72
CA HIS B 159 -21.02 5.92 -0.33
C HIS B 159 -20.47 4.54 -0.03
N THR B 160 -19.46 4.49 0.83
CA THR B 160 -18.84 3.24 1.20
C THR B 160 -19.68 2.53 2.25
N LEU B 161 -19.78 1.22 2.11
CA LEU B 161 -20.41 0.39 3.13
C LEU B 161 -19.46 -0.72 3.52
N SER B 162 -19.46 -1.06 4.80
CA SER B 162 -18.73 -2.22 5.28
C SER B 162 -19.74 -3.19 5.85
N PRO B 163 -19.34 -4.46 6.01
CA PRO B 163 -20.29 -5.51 6.40
C PRO B 163 -21.03 -5.22 7.70
N ARG B 164 -20.38 -4.49 8.61
CA ARG B 164 -20.98 -4.26 9.92
C ARG B 164 -21.98 -3.09 9.91
N ASP B 165 -22.00 -2.33 8.82
CA ASP B 165 -22.94 -1.21 8.69
C ASP B 165 -24.34 -1.72 8.46
N ALA B 166 -25.33 -1.09 9.09
CA ALA B 166 -26.71 -1.45 8.85
C ALA B 166 -27.08 -0.98 7.45
N THR B 167 -27.89 -1.77 6.75
CA THR B 167 -28.30 -1.41 5.40
C THR B 167 -29.66 -0.71 5.40
N GLU B 168 -30.42 -0.95 6.47
CA GLU B 168 -31.74 -0.36 6.62
C GLU B 168 -31.72 1.14 6.37
N GLY B 169 -32.58 1.60 5.47
CA GLY B 169 -32.76 3.02 5.22
C GLY B 169 -31.65 3.66 4.40
N VAL B 170 -30.60 2.88 4.13
CA VAL B 170 -29.47 3.40 3.38
C VAL B 170 -29.86 3.74 1.95
N TYR B 171 -30.50 2.80 1.27
CA TYR B 171 -30.92 3.03 -0.11
C TYR B 171 -31.70 4.34 -0.22
N GLN B 172 -32.71 4.50 0.62
CA GLN B 172 -33.53 5.71 0.58
C GLN B 172 -32.69 6.96 0.82
N ARG B 173 -31.76 6.89 1.76
CA ARG B 173 -30.86 8.00 2.02
C ARG B 173 -30.02 8.37 0.79
N LEU B 174 -29.52 7.36 0.08
CA LEU B 174 -28.73 7.63 -1.11
C LEU B 174 -29.61 8.21 -2.23
N LEU B 175 -30.84 7.71 -2.33
CA LEU B 175 -31.80 8.29 -3.26
C LEU B 175 -32.01 9.77 -2.97
N ASP B 176 -32.05 10.12 -1.69
CA ASP B 176 -32.27 11.51 -1.29
C ASP B 176 -31.04 12.38 -1.58
N ARG B 177 -29.86 11.79 -1.43
CA ARG B 177 -28.63 12.53 -1.64
C ARG B 177 -28.38 12.76 -3.13
N TRP B 178 -28.74 11.78 -3.95
CA TRP B 178 -28.31 11.78 -5.34
C TRP B 178 -29.44 12.00 -6.34
N GLY B 179 -30.68 11.94 -5.87
CA GLY B 179 -31.82 12.25 -6.70
C GLY B 179 -32.02 11.31 -7.85
N THR B 180 -31.49 10.10 -7.72
CA THR B 180 -31.74 9.04 -8.69
C THR B 180 -31.98 7.73 -7.97
N SER B 181 -32.87 6.91 -8.54
CA SER B 181 -33.23 5.61 -8.00
C SER B 181 -32.27 4.53 -8.51
N GLU B 182 -31.55 4.84 -9.58
CA GLU B 182 -30.63 3.91 -10.21
C GLU B 182 -29.22 4.08 -9.65
N LEU B 183 -28.76 3.06 -8.93
CA LEU B 183 -27.43 3.08 -8.32
C LEU B 183 -26.59 1.93 -8.85
N PHE B 184 -25.31 1.97 -8.51
CA PHE B 184 -24.43 0.82 -8.66
C PHE B 184 -23.95 0.42 -7.27
N VAL B 185 -23.87 -0.88 -7.04
CA VAL B 185 -23.23 -1.42 -5.85
C VAL B 185 -21.99 -2.15 -6.35
N LYS B 186 -20.83 -1.62 -5.97
CA LYS B 186 -19.54 -2.04 -6.51
C LYS B 186 -18.60 -2.47 -5.39
N ALA B 187 -17.85 -3.54 -5.60
CA ALA B 187 -16.71 -3.83 -4.72
C ALA B 187 -15.71 -2.68 -4.83
N VAL B 188 -15.09 -2.30 -3.71
CA VAL B 188 -14.17 -1.16 -3.79
C VAL B 188 -12.92 -1.51 -4.60
N SER B 189 -12.55 -2.77 -4.60
CA SER B 189 -11.23 -3.15 -5.11
C SER B 189 -11.24 -4.16 -6.25
N LEU B 190 -12.41 -4.48 -6.79
CA LEU B 190 -12.52 -5.53 -7.80
C LEU B 190 -13.12 -4.98 -9.09
N GLY B 191 -12.55 -5.38 -10.22
CA GLY B 191 -12.96 -4.86 -11.52
C GLY B 191 -13.96 -5.68 -12.32
N SER B 192 -14.05 -6.99 -12.06
CA SER B 192 -14.99 -7.83 -12.83
C SER B 192 -16.41 -7.32 -12.76
N SER B 193 -17.13 -7.47 -13.86
CA SER B 193 -18.52 -7.03 -13.92
C SER B 193 -19.37 -7.69 -12.84
N VAL B 194 -18.95 -8.85 -12.35
CA VAL B 194 -19.75 -9.56 -11.34
C VAL B 194 -19.71 -8.85 -9.99
N ALA B 195 -18.73 -7.96 -9.84
CA ALA B 195 -18.59 -7.19 -8.60
C ALA B 195 -19.12 -5.77 -8.74
N THR B 196 -19.82 -5.51 -9.84
CA THR B 196 -20.47 -4.22 -10.07
C THR B 196 -21.91 -4.50 -10.50
N LEU B 197 -22.86 -4.13 -9.65
CA LEU B 197 -24.23 -4.55 -9.81
C LEU B 197 -25.15 -3.36 -9.85
N PRO B 198 -25.92 -3.22 -10.95
CA PRO B 198 -26.86 -2.11 -11.03
C PRO B 198 -28.08 -2.42 -10.16
N VAL B 199 -28.57 -1.42 -9.43
CA VAL B 199 -29.77 -1.60 -8.63
C VAL B 199 -30.72 -0.45 -8.83
N LYS B 200 -32.01 -0.74 -8.81
CA LYS B 200 -33.01 0.30 -9.05
C LYS B 200 -34.19 0.19 -8.08
N THR B 201 -34.10 -0.74 -7.14
CA THR B 201 -35.08 -0.88 -6.08
C THR B 201 -34.39 -1.17 -4.77
N GLU B 202 -35.10 -0.99 -3.67
CA GLU B 202 -34.57 -1.29 -2.35
C GLU B 202 -34.17 -2.76 -2.26
N THR B 203 -35.00 -3.63 -2.81
CA THR B 203 -34.73 -5.06 -2.73
C THR B 203 -33.47 -5.41 -3.51
N GLU B 204 -33.32 -4.81 -4.69
CA GLU B 204 -32.15 -5.08 -5.50
C GLU B 204 -30.91 -4.60 -4.75
N PHE B 205 -31.04 -3.44 -4.10
CA PHE B 205 -29.94 -2.87 -3.32
C PHE B 205 -29.47 -3.84 -2.26
N THR B 206 -30.40 -4.28 -1.41
CA THR B 206 -30.05 -5.20 -0.33
C THR B 206 -29.46 -6.52 -0.85
N LYS B 207 -30.02 -7.07 -1.92
CA LYS B 207 -29.45 -8.28 -2.50
C LYS B 207 -28.05 -8.05 -3.05
N ALA B 208 -27.84 -6.92 -3.70
CA ALA B 208 -26.55 -6.59 -4.31
C ALA B 208 -25.48 -6.40 -3.24
N VAL B 209 -25.85 -5.70 -2.17
CA VAL B 209 -24.93 -5.50 -1.06
C VAL B 209 -24.46 -6.85 -0.52
N LYS B 210 -25.40 -7.74 -0.25
CA LYS B 210 -25.09 -9.09 0.20
C LYS B 210 -24.15 -9.80 -0.78
N GLU B 211 -24.50 -9.74 -2.06
CA GLU B 211 -23.72 -10.40 -3.09
C GLU B 211 -22.28 -9.89 -3.11
N VAL B 212 -22.12 -8.57 -3.17
CA VAL B 212 -20.77 -8.02 -3.27
C VAL B 212 -19.93 -8.31 -2.04
N PHE B 213 -20.58 -8.38 -0.88
CA PHE B 213 -19.85 -8.72 0.35
C PHE B 213 -19.36 -10.18 0.35
N ARG B 214 -19.73 -10.95 -0.65
CA ARG B 214 -19.14 -12.29 -0.78
C ARG B 214 -17.79 -12.21 -1.48
N TYR B 215 -17.50 -11.06 -2.07
CA TYR B 215 -16.30 -10.90 -2.90
C TYR B 215 -15.29 -9.93 -2.34
N ASP B 216 -15.77 -8.90 -1.64
CA ASP B 216 -14.88 -7.84 -1.13
C ASP B 216 -15.32 -7.49 0.29
N ASP B 217 -14.41 -7.00 1.11
CA ASP B 217 -14.74 -6.70 2.51
C ASP B 217 -15.27 -5.27 2.63
N ARG B 218 -15.35 -4.58 1.52
CA ARG B 218 -15.90 -3.23 1.52
C ARG B 218 -16.51 -2.99 0.17
N LEU B 219 -17.60 -2.23 0.14
CA LEU B 219 -18.20 -1.90 -1.13
C LEU B 219 -18.53 -0.43 -1.16
N MET B 220 -18.80 0.05 -2.37
CA MET B 220 -19.21 1.42 -2.53
C MET B 220 -20.46 1.49 -3.38
N VAL B 221 -21.37 2.36 -2.99
CA VAL B 221 -22.57 2.65 -3.75
C VAL B 221 -22.31 3.92 -4.54
N GLU B 222 -22.70 3.93 -5.82
CA GLU B 222 -22.62 5.15 -6.60
C GLU B 222 -23.91 5.36 -7.36
N PRO B 223 -24.27 6.63 -7.61
CA PRO B 223 -25.42 6.88 -8.47
C PRO B 223 -25.06 6.49 -9.90
N ARG B 224 -26.04 6.05 -10.65
CA ARG B 224 -25.88 5.85 -12.08
C ARG B 224 -25.72 7.24 -12.70
N ILE B 225 -24.61 7.46 -13.38
CA ILE B 225 -24.36 8.72 -14.05
C ILE B 225 -24.64 8.57 -15.54
N ARG B 226 -25.48 9.44 -16.08
CA ARG B 226 -25.66 9.45 -17.53
C ARG B 226 -24.57 10.30 -18.15
N GLY B 227 -24.05 9.87 -19.28
CA GLY B 227 -23.01 10.62 -19.95
C GLY B 227 -22.00 9.71 -20.63
N ARG B 228 -20.95 10.32 -21.16
CA ARG B 228 -19.95 9.60 -21.92
C ARG B 228 -18.87 9.06 -21.01
N GLU B 229 -18.43 7.83 -21.27
CA GLU B 229 -17.29 7.25 -20.58
C GLU B 229 -16.05 7.72 -21.30
N ILE B 230 -15.27 8.57 -20.65
CA ILE B 230 -14.11 9.16 -21.30
C ILE B 230 -12.86 8.74 -20.53
N GLU B 231 -11.79 8.40 -21.25
CA GLU B 231 -10.55 8.04 -20.59
C GLU B 231 -9.39 8.91 -21.06
N CYS B 232 -8.33 8.94 -20.28
CA CYS B 232 -7.17 9.77 -20.59
C CYS B 232 -5.91 9.15 -20.01
N ALA B 233 -4.92 8.95 -20.87
CA ALA B 233 -3.65 8.34 -20.47
C ALA B 233 -2.70 9.41 -19.94
N VAL B 234 -2.14 9.16 -18.76
CA VAL B 234 -1.19 10.07 -18.18
C VAL B 234 0.17 9.39 -18.17
N LEU B 235 1.23 10.15 -18.46
CA LEU B 235 2.58 9.63 -18.53
C LEU B 235 3.55 10.61 -17.88
N GLY B 236 4.46 10.10 -17.06
CA GLY B 236 5.48 10.93 -16.45
C GLY B 236 5.65 10.65 -14.97
N ASN B 237 6.59 11.36 -14.37
CA ASN B 237 6.76 11.29 -12.93
C ASN B 237 6.32 12.63 -12.35
N GLY B 238 7.29 13.49 -12.08
CA GLY B 238 7.01 14.81 -11.51
C GLY B 238 6.35 15.76 -12.48
N ALA B 239 6.41 15.46 -13.77
CA ALA B 239 5.88 16.35 -14.80
C ALA B 239 4.97 15.61 -15.78
N PRO B 240 3.83 15.11 -15.29
CA PRO B 240 2.96 14.25 -16.10
C PRO B 240 2.44 14.98 -17.32
N LYS B 241 2.29 14.23 -18.40
CA LYS B 241 1.65 14.70 -19.61
C LYS B 241 0.40 13.84 -19.86
N ALA B 242 -0.62 14.44 -20.46
CA ALA B 242 -1.87 13.75 -20.72
C ALA B 242 -2.06 13.54 -22.20
N SER B 243 -2.59 12.38 -22.56
CA SER B 243 -2.93 12.08 -23.94
C SER B 243 -4.22 12.81 -24.29
N LEU B 244 -4.54 12.86 -25.57
CA LEU B 244 -5.89 13.19 -25.99
C LEU B 244 -6.83 12.17 -25.39
N PRO B 245 -8.03 12.64 -24.99
CA PRO B 245 -9.03 11.74 -24.43
C PRO B 245 -9.44 10.65 -25.40
N GLY B 246 -9.75 9.47 -24.88
CA GLY B 246 -10.36 8.43 -25.65
C GLY B 246 -11.75 8.22 -25.09
N GLU B 247 -12.59 7.50 -25.81
CA GLU B 247 -13.94 7.25 -25.33
C GLU B 247 -14.30 5.79 -25.43
N ILE B 248 -15.03 5.29 -24.42
CA ILE B 248 -15.60 3.95 -24.43
C ILE B 248 -17.09 4.05 -24.71
N ILE B 249 -17.56 3.40 -25.76
CA ILE B 249 -18.98 3.47 -26.11
C ILE B 249 -19.76 2.20 -25.76
N THR B 268 -16.80 -1.05 -27.93
CA THR B 268 -16.23 -0.14 -28.93
C THR B 268 -15.52 1.06 -28.32
N THR B 269 -14.33 1.36 -28.85
CA THR B 269 -13.50 2.44 -28.35
C THR B 269 -13.07 3.39 -29.47
N THR B 270 -12.71 4.60 -29.09
CA THR B 270 -12.18 5.55 -30.06
C THR B 270 -11.16 6.49 -29.41
N THR B 271 -10.19 6.93 -30.19
CA THR B 271 -9.18 7.85 -29.71
C THR B 271 -9.41 9.25 -30.26
N SER B 276 -14.91 18.64 -27.69
CA SER B 276 -15.00 20.05 -27.32
C SER B 276 -13.71 20.57 -26.68
N GLU B 277 -13.11 21.60 -27.27
CA GLU B 277 -11.78 22.03 -26.84
C GLU B 277 -11.67 22.35 -25.35
N SER B 278 -12.69 22.97 -24.78
CA SER B 278 -12.71 23.27 -23.36
C SER B 278 -12.77 22.00 -22.51
N VAL B 279 -13.75 21.14 -22.83
CA VAL B 279 -13.92 19.89 -22.10
C VAL B 279 -12.68 19.02 -22.25
N THR B 280 -12.09 19.01 -23.44
CA THR B 280 -10.89 18.24 -23.69
C THR B 280 -9.79 18.69 -22.74
N LYS B 281 -9.65 20.01 -22.61
CA LYS B 281 -8.65 20.60 -21.72
C LYS B 281 -8.92 20.25 -20.26
N GLN B 282 -10.19 20.31 -19.85
CA GLN B 282 -10.56 19.92 -18.50
C GLN B 282 -10.12 18.49 -18.22
N ILE B 283 -10.46 17.59 -19.14
CA ILE B 283 -10.10 16.19 -19.02
C ILE B 283 -8.61 16.03 -18.79
N GLN B 284 -7.82 16.53 -19.71
CA GLN B 284 -6.37 16.37 -19.64
C GLN B 284 -5.81 16.95 -18.35
N GLN B 285 -6.27 18.15 -18.00
CA GLN B 285 -5.77 18.82 -16.82
C GLN B 285 -6.19 18.08 -15.56
N ILE B 286 -7.43 17.63 -15.50
CA ILE B 286 -7.89 16.92 -14.32
C ILE B 286 -7.16 15.59 -14.21
N ALA B 287 -6.90 14.96 -15.35
CA ALA B 287 -6.19 13.68 -15.34
C ALA B 287 -4.81 13.88 -14.72
N ILE B 288 -4.13 14.94 -15.15
CA ILE B 288 -2.81 15.22 -14.63
C ILE B 288 -2.87 15.53 -13.12
N ASP B 289 -3.82 16.36 -12.73
CA ASP B 289 -3.96 16.76 -11.33
C ASP B 289 -4.34 15.56 -10.46
N ALA B 290 -5.14 14.67 -11.00
CA ALA B 290 -5.52 13.44 -10.29
C ALA B 290 -4.29 12.57 -10.09
N PHE B 291 -3.53 12.41 -11.16
CA PHE B 291 -2.28 11.63 -11.14
C PHE B 291 -1.36 12.16 -10.05
N LYS B 292 -1.20 13.48 -9.99
CA LYS B 292 -0.34 14.10 -8.99
C LYS B 292 -0.92 13.93 -7.58
N MET B 293 -2.24 14.01 -7.47
CA MET B 293 -2.89 14.01 -6.16
C MET B 293 -2.77 12.67 -5.46
N VAL B 294 -2.71 11.59 -6.24
CA VAL B 294 -2.52 10.28 -5.65
C VAL B 294 -1.05 9.89 -5.65
N HIS B 295 -0.20 10.83 -6.04
CA HIS B 295 1.25 10.63 -6.03
C HIS B 295 1.63 9.47 -6.90
N CYS B 296 1.01 9.42 -8.06
CA CYS B 296 1.27 8.35 -8.99
C CYS B 296 2.62 8.58 -9.64
N SER B 297 3.15 7.55 -10.29
CA SER B 297 4.36 7.73 -11.08
C SER B 297 4.31 6.79 -12.29
N GLY B 298 5.05 7.18 -13.32
CA GLY B 298 5.09 6.41 -14.55
C GLY B 298 3.86 6.62 -15.41
N MET B 299 2.74 6.04 -14.99
CA MET B 299 1.55 6.06 -15.82
C MET B 299 0.30 5.78 -15.01
N ALA B 300 -0.81 6.27 -15.53
CA ALA B 300 -2.10 5.81 -15.08
C ALA B 300 -3.10 6.14 -16.16
N ARG B 301 -4.20 5.42 -16.16
CA ARG B 301 -5.29 5.79 -17.03
C ARG B 301 -6.36 6.35 -16.13
N VAL B 302 -6.78 7.58 -16.40
CA VAL B 302 -7.83 8.20 -15.63
C VAL B 302 -9.15 8.09 -16.39
N ASP B 303 -10.13 7.48 -15.72
CA ASP B 303 -11.42 7.20 -16.31
C ASP B 303 -12.43 8.21 -15.79
N PHE B 304 -13.20 8.79 -16.70
CA PHE B 304 -14.12 9.86 -16.38
C PHE B 304 -15.54 9.52 -16.83
N PHE B 305 -16.49 10.25 -16.27
CA PHE B 305 -17.77 10.44 -16.95
C PHE B 305 -17.81 11.90 -17.36
N VAL B 306 -18.38 12.16 -18.54
CA VAL B 306 -18.71 13.52 -18.92
C VAL B 306 -20.22 13.58 -19.14
N THR B 307 -20.93 14.25 -18.23
CA THR B 307 -22.39 14.36 -18.30
C THR B 307 -22.80 15.14 -19.54
N PRO B 308 -24.07 15.02 -19.94
CA PRO B 308 -24.61 15.78 -21.07
C PRO B 308 -24.37 17.27 -20.87
N ASN B 309 -24.45 17.72 -19.62
CA ASN B 309 -24.21 19.11 -19.26
C ASN B 309 -22.70 19.44 -19.29
N ASN B 310 -21.89 18.48 -19.71
CA ASN B 310 -20.46 18.66 -19.87
C ASN B 310 -19.71 18.74 -18.55
N LYS B 311 -20.31 18.22 -17.49
CA LYS B 311 -19.62 18.15 -16.21
C LYS B 311 -18.65 16.98 -16.25
N VAL B 312 -17.41 17.22 -15.85
CA VAL B 312 -16.36 16.21 -15.93
C VAL B 312 -16.11 15.62 -14.55
N LEU B 313 -16.33 14.31 -14.42
CA LEU B 313 -16.22 13.64 -13.13
C LEU B 313 -15.25 12.47 -13.23
N VAL B 314 -14.23 12.46 -12.37
CA VAL B 314 -13.35 11.29 -12.31
C VAL B 314 -14.09 10.12 -11.68
N ASN B 315 -13.96 8.94 -12.25
CA ASN B 315 -14.56 7.78 -11.60
C ASN B 315 -13.53 6.81 -11.07
N GLU B 316 -12.43 6.67 -11.80
CA GLU B 316 -11.41 5.72 -11.41
C GLU B 316 -10.03 6.13 -11.94
N ILE B 317 -8.99 5.73 -11.20
CA ILE B 317 -7.63 5.83 -11.72
C ILE B 317 -7.08 4.42 -11.79
N ASN B 318 -6.59 4.03 -12.95
CA ASN B 318 -6.05 2.70 -13.14
C ASN B 318 -4.54 2.78 -13.32
N THR B 319 -3.79 2.22 -12.39
CA THR B 319 -2.35 2.31 -12.41
C THR B 319 -1.67 1.22 -13.22
N ILE B 320 -2.39 0.12 -13.46
CA ILE B 320 -1.92 -0.86 -14.44
C ILE B 320 -3.05 -1.14 -15.42
N PRO B 321 -3.28 -0.19 -16.33
CA PRO B 321 -4.35 -0.33 -17.30
C PRO B 321 -3.94 -1.40 -18.31
N GLY B 322 -4.93 -1.90 -19.06
CA GLY B 322 -4.64 -2.86 -20.10
C GLY B 322 -3.58 -2.31 -21.02
N PHE B 323 -2.67 -3.17 -21.45
CA PHE B 323 -1.62 -2.76 -22.36
C PHE B 323 -1.58 -3.67 -23.59
N THR B 324 -2.72 -4.28 -23.91
CA THR B 324 -2.80 -5.11 -25.11
C THR B 324 -2.76 -4.23 -26.35
N ASN B 325 -2.66 -4.85 -27.52
CA ASN B 325 -2.56 -4.09 -28.76
C ASN B 325 -3.81 -3.28 -29.09
N ILE B 326 -4.90 -3.53 -28.37
CA ILE B 326 -6.11 -2.76 -28.58
C ILE B 326 -6.52 -1.98 -27.33
N SER B 327 -5.67 -2.01 -26.29
CA SER B 327 -6.02 -1.35 -25.04
C SER B 327 -5.93 0.15 -25.14
N MET B 328 -6.76 0.82 -24.37
CA MET B 328 -6.90 2.27 -24.47
C MET B 328 -5.62 3.04 -24.12
N TYR B 329 -4.90 2.59 -23.09
CA TYR B 329 -3.76 3.36 -22.62
C TYR B 329 -2.73 3.60 -23.73
N PRO B 330 -2.20 2.52 -24.32
CA PRO B 330 -1.26 2.74 -25.42
C PRO B 330 -1.91 3.34 -26.68
N LYS B 331 -3.16 2.98 -26.96
CA LYS B 331 -3.83 3.52 -28.15
C LYS B 331 -4.00 5.05 -28.05
N MET B 332 -4.39 5.53 -26.86
CA MET B 332 -4.56 6.95 -26.68
C MET B 332 -3.24 7.67 -26.90
N TRP B 333 -2.15 7.08 -26.41
CA TRP B 333 -0.84 7.67 -26.64
C TRP B 333 -0.45 7.68 -28.11
N GLU B 334 -0.59 6.53 -28.76
CA GLU B 334 -0.36 6.42 -30.19
C GLU B 334 -1.09 7.53 -30.94
N ALA B 335 -2.34 7.75 -30.54
CA ALA B 335 -3.18 8.77 -31.15
C ALA B 335 -2.69 10.17 -30.82
N SER B 336 -1.87 10.29 -29.78
CA SER B 336 -1.36 11.59 -29.34
C SER B 336 0.08 11.79 -29.78
N GLY B 337 0.51 11.02 -30.78
CA GLY B 337 1.82 11.20 -31.37
C GLY B 337 2.93 10.47 -30.63
N LEU B 338 2.55 9.49 -29.82
CA LEU B 338 3.54 8.70 -29.08
C LEU B 338 3.35 7.22 -29.37
N PRO B 339 4.14 6.70 -30.32
CA PRO B 339 4.10 5.28 -30.68
C PRO B 339 4.45 4.40 -29.50
N CYS B 340 3.94 3.17 -29.51
CA CYS B 340 4.08 2.31 -28.35
C CYS B 340 5.53 1.99 -27.94
N PRO B 341 6.41 1.69 -28.93
CA PRO B 341 7.80 1.42 -28.54
C PRO B 341 8.40 2.57 -27.77
N ASN B 342 8.13 3.81 -28.19
CA ASN B 342 8.65 4.99 -27.53
C ASN B 342 7.99 5.21 -26.17
N LEU B 343 6.70 4.93 -26.10
CA LEU B 343 5.99 4.97 -24.84
C LEU B 343 6.68 4.04 -23.84
N LEU B 344 7.00 2.84 -24.29
CA LEU B 344 7.63 1.85 -23.42
C LEU B 344 9.01 2.30 -22.96
N ASP B 345 9.78 2.87 -23.87
CA ASP B 345 11.09 3.43 -23.53
C ASP B 345 10.96 4.49 -22.44
N GLN B 346 9.98 5.36 -22.58
CA GLN B 346 9.80 6.42 -21.60
C GLN B 346 9.36 5.84 -20.26
N LEU B 347 8.50 4.84 -20.29
CA LEU B 347 8.08 4.19 -19.06
C LEU B 347 9.27 3.61 -18.32
N ILE B 348 10.16 2.97 -19.06
CA ILE B 348 11.36 2.39 -18.47
C ILE B 348 12.31 3.48 -17.96
N GLU B 349 12.52 4.53 -18.75
CA GLU B 349 13.38 5.63 -18.33
C GLU B 349 12.83 6.29 -17.06
N LEU B 350 11.51 6.51 -17.04
CA LEU B 350 10.86 7.09 -15.87
C LEU B 350 11.05 6.22 -14.63
N ALA B 351 10.96 4.91 -14.81
CA ALA B 351 11.12 3.99 -13.69
C ALA B 351 12.56 4.03 -13.16
N ILE B 352 13.53 4.02 -14.06
CA ILE B 352 14.92 4.01 -13.63
C ILE B 352 15.26 5.34 -12.95
N ASP B 353 14.77 6.43 -13.53
CA ASP B 353 15.00 7.75 -12.99
C ASP B 353 14.38 7.87 -11.60
N ARG B 354 13.15 7.40 -11.45
CA ARG B 354 12.52 7.39 -10.14
C ARG B 354 13.36 6.60 -9.16
N HIS B 355 13.77 5.40 -9.57
CA HIS B 355 14.57 4.56 -8.71
C HIS B 355 15.86 5.28 -8.29
N GLN B 356 16.50 5.95 -9.24
CA GLN B 356 17.75 6.66 -8.94
C GLN B 356 17.54 7.73 -7.87
N GLU B 357 16.48 8.53 -8.03
CA GLU B 357 16.21 9.60 -7.07
C GLU B 357 15.87 9.01 -5.71
N GLN B 358 15.05 7.97 -5.69
CA GLN B 358 14.65 7.32 -4.44
C GLN B 358 15.83 6.75 -3.67
N GLN B 359 16.81 6.17 -4.39
CA GLN B 359 18.00 5.63 -3.74
C GLN B 359 18.82 6.76 -3.12
N LYS B 360 18.98 7.85 -3.86
CA LYS B 360 19.68 9.01 -3.37
C LYS B 360 19.06 9.47 -2.05
N LEU B 361 17.73 9.55 -2.01
CA LEU B 361 17.04 10.02 -0.82
C LEU B 361 17.30 9.09 0.36
N ILE B 362 17.16 7.79 0.13
CA ILE B 362 17.28 6.86 1.25
C ILE B 362 18.71 6.78 1.76
N ARG B 363 19.68 6.86 0.84
CA ARG B 363 21.09 6.88 1.23
C ARG B 363 21.42 8.14 2.04
N CYS B 364 20.90 9.27 1.59
CA CYS B 364 21.17 10.52 2.29
C CYS B 364 20.54 10.49 3.68
N TYR B 365 19.33 9.95 3.76
CA TYR B 365 18.61 9.85 5.03
C TYR B 365 19.33 8.91 5.98
N GLU B 366 19.71 7.74 5.47
CA GLU B 366 20.43 6.75 6.27
C GLU B 366 21.73 7.32 6.84
N VAL B 367 22.43 8.13 6.05
CA VAL B 367 23.65 8.77 6.52
C VAL B 367 23.35 9.72 7.69
N LYS B 368 22.31 10.54 7.54
CA LYS B 368 21.96 11.53 8.56
C LYS B 368 21.35 10.91 9.82
#